data_5VPM
#
_entry.id   5VPM
#
_cell.length_a   55.378
_cell.length_b   103.847
_cell.length_c   145.520
_cell.angle_alpha   90.00
_cell.angle_beta   90.00
_cell.angle_gamma   90.00
#
_symmetry.space_group_name_H-M   'P 21 21 21'
#
loop_
_entity.id
_entity.type
_entity.pdbx_description
1 polymer Renin
2 non-polymer 2-acetamido-2-deoxy-beta-D-glucopyranose
3 non-polymer "methyl [(4S)-4-(3'-ethyl-6-fluoro[1,1'-biphenyl]-2-yl)-4-hydroxy-4-{(3R)-1-[(piperidin-4-yl)acetyl]piperidin-3-yl}butyl]carbamate"
4 non-polymer 'SULFATE ION'
5 water water
#
_entity_poly.entity_id   1
_entity_poly.type   'polypeptide(L)'
_entity_poly.pdbx_seq_one_letter_code
;GNTTSSVILTNYMDTQYYGEIGIGTPPQTFKVVFDTGSSNVWVPSSKCSRLYTACVYHKLFDASDSSSYKHNGTELTLRY
STGTVSGFLSQDIITVGGITVTQMFGEVTEMPALPFMLAEFDGVVGMGFIEQAIGRVTPIFDNIISQGVLKEDVFSFYYN
RDSENSQSLGGQIVLGGSDPQHYEGNFHYINLIKTGVWQIQMKGVSVGSSTLLCEDGCLALVDTGASYISGSTSSIEKLM
EALGAKKRLFDYVVKCNEGPTLPDISFHLGGKEYTLTSADYVFQESYSSKKLCTLAIHAMDIPPPTGPTWALGATFIRKF
YTEFDRRNNRIGFALAR
;
_entity_poly.pdbx_strand_id   A,B
#
# COMPACT_ATOMS: atom_id res chain seq x y z
N GLY A 1 15.11 20.25 -38.41
CA GLY A 1 14.55 18.98 -37.85
C GLY A 1 15.31 17.76 -38.35
N ASN A 2 14.59 16.78 -38.89
CA ASN A 2 15.15 15.54 -39.48
C ASN A 2 15.51 14.40 -38.50
N THR A 3 15.64 14.68 -37.19
CA THR A 3 16.06 13.64 -36.24
C THR A 3 14.90 12.83 -35.70
N THR A 4 15.17 11.55 -35.43
CA THR A 4 14.25 10.63 -34.76
C THR A 4 15.04 9.60 -33.95
N SER A 5 14.79 9.53 -32.63
CA SER A 5 15.54 8.65 -31.73
C SER A 5 14.60 7.75 -30.93
N SER A 6 14.94 6.46 -30.82
CA SER A 6 14.06 5.46 -30.17
C SER A 6 14.77 4.63 -29.09
N VAL A 7 14.33 4.81 -27.84
CA VAL A 7 14.84 4.08 -26.67
C VAL A 7 14.05 2.78 -26.49
N ILE A 8 14.72 1.76 -25.95
CA ILE A 8 14.19 0.40 -25.89
C ILE A 8 13.88 0.02 -24.44
N LEU A 9 12.69 -0.57 -24.24
CA LEU A 9 12.08 -0.75 -22.91
C LEU A 9 12.02 -2.21 -22.43
N THR A 10 12.28 -2.39 -21.14
CA THR A 10 12.15 -3.67 -20.46
C THR A 10 10.75 -3.71 -19.89
N ASN A 11 10.14 -4.89 -19.97
CA ASN A 11 8.78 -5.14 -19.48
C ASN A 11 8.84 -6.13 -18.30
N TYR A 12 8.77 -5.60 -17.08
CA TYR A 12 8.65 -6.45 -15.90
C TYR A 12 7.18 -6.81 -15.77
N MET A 13 6.88 -8.03 -16.18
CA MET A 13 5.57 -8.68 -16.05
C MET A 13 4.35 -7.80 -16.17
N ASP A 14 4.35 -7.02 -17.25
CA ASP A 14 3.20 -6.20 -17.68
C ASP A 14 2.70 -5.14 -16.66
N THR A 15 3.56 -4.81 -15.68
CA THR A 15 3.24 -3.85 -14.64
C THR A 15 4.22 -2.69 -14.59
N GLN A 16 5.49 -2.93 -14.94
CA GLN A 16 6.49 -1.87 -15.03
C GLN A 16 7.15 -1.91 -16.40
N TYR A 17 7.08 -0.79 -17.13
CA TYR A 17 7.79 -0.63 -18.39
C TYR A 17 8.82 0.50 -18.21
N TYR A 18 10.11 0.14 -18.24
CA TYR A 18 11.21 1.10 -18.03
C TYR A 18 12.31 0.94 -19.07
N GLY A 19 13.04 2.02 -19.31
CA GLY A 19 14.16 2.02 -20.26
C GLY A 19 15.36 2.77 -19.69
N GLU A 20 16.46 2.78 -20.43
CA GLU A 20 17.71 3.40 -19.96
C GLU A 20 17.76 4.89 -20.30
N ILE A 21 18.34 5.68 -19.39
CA ILE A 21 18.85 7.05 -19.68
C ILE A 21 20.18 7.28 -18.97
N GLY A 22 20.99 8.21 -19.48
CA GLY A 22 22.26 8.59 -18.86
C GLY A 22 22.19 9.99 -18.27
N ILE A 23 22.95 10.23 -17.20
CA ILE A 23 23.11 11.58 -16.63
C ILE A 23 24.59 11.85 -16.37
N GLY A 24 25.10 12.93 -16.95
CA GLY A 24 26.44 13.42 -16.64
C GLY A 24 27.50 13.10 -17.68
N THR A 25 28.72 13.59 -17.40
CA THR A 25 29.94 13.31 -18.18
C THR A 25 31.03 12.84 -17.19
N PRO A 26 31.35 11.55 -17.11
CA PRO A 26 30.73 10.48 -17.90
C PRO A 26 29.26 10.21 -17.50
N PRO A 27 28.46 9.62 -18.43
CA PRO A 27 27.07 9.28 -18.10
C PRO A 27 26.94 8.23 -16.98
N GLN A 28 26.05 8.50 -16.02
CA GLN A 28 25.60 7.52 -15.04
C GLN A 28 24.17 7.12 -15.42
N THR A 29 23.98 5.81 -15.65
CA THR A 29 22.76 5.29 -16.26
C THR A 29 21.66 5.06 -15.23
N PHE A 30 20.41 5.09 -15.68
CA PHE A 30 19.27 4.85 -14.81
C PHE A 30 18.13 4.17 -15.54
N LYS A 31 17.55 3.16 -14.89
CA LYS A 31 16.32 2.54 -15.36
C LYS A 31 15.13 3.44 -14.95
N VAL A 32 14.36 3.94 -15.91
CA VAL A 32 13.30 4.91 -15.62
C VAL A 32 11.98 4.64 -16.31
N VAL A 33 10.90 5.04 -15.65
CA VAL A 33 9.56 4.96 -16.22
C VAL A 33 9.27 6.27 -16.95
N PHE A 34 8.82 6.17 -18.19
CA PHE A 34 8.40 7.35 -18.98
C PHE A 34 6.89 7.51 -18.79
N ASP A 35 6.49 8.69 -18.34
CA ASP A 35 5.20 8.87 -17.68
C ASP A 35 4.44 10.08 -18.21
N THR A 36 3.45 9.86 -19.08
CA THR A 36 2.64 10.98 -19.59
C THR A 36 1.72 11.60 -18.54
N GLY A 37 1.56 10.89 -17.43
CA GLY A 37 0.81 11.39 -16.29
C GLY A 37 1.56 12.35 -15.39
N SER A 38 2.85 12.58 -15.62
CA SER A 38 3.61 13.53 -14.81
C SER A 38 4.56 14.32 -15.70
N SER A 39 5.21 15.33 -15.11
CA SER A 39 6.07 16.26 -15.86
C SER A 39 7.51 16.41 -15.37
N ASN A 40 7.73 16.13 -14.09
CA ASN A 40 9.08 16.15 -13.52
C ASN A 40 9.88 14.90 -13.83
N VAL A 41 11.20 15.08 -13.82
CA VAL A 41 12.18 14.01 -13.93
C VAL A 41 12.82 13.85 -12.57
N TRP A 42 13.02 12.61 -12.13
CA TRP A 42 13.84 12.37 -10.95
C TRP A 42 14.51 11.01 -10.97
N VAL A 43 15.60 10.93 -10.22
CA VAL A 43 16.28 9.68 -9.90
C VAL A 43 16.70 9.72 -8.43
N PRO A 44 17.07 8.56 -7.85
CA PRO A 44 17.59 8.57 -6.48
C PRO A 44 18.97 9.22 -6.39
N SER A 45 19.32 9.66 -5.17
CA SER A 45 20.51 10.50 -4.93
C SER A 45 21.55 9.86 -3.99
N SER A 46 22.80 10.33 -4.08
CA SER A 46 23.83 10.03 -3.06
C SER A 46 23.38 10.45 -1.67
N LYS A 47 22.86 11.67 -1.58
CA LYS A 47 22.47 12.29 -0.31
C LYS A 47 21.20 11.67 0.28
N CYS A 48 20.60 10.69 -0.40
CA CYS A 48 19.63 9.78 0.20
C CYS A 48 20.31 9.04 1.33
N SER A 49 19.71 9.05 2.51
CA SER A 49 20.22 8.28 3.64
C SER A 49 20.13 6.79 3.35
N ARG A 50 20.93 6.01 4.07
CA ARG A 50 20.84 4.55 3.99
C ARG A 50 19.71 4.01 4.89
N LEU A 51 19.07 4.90 5.65
CA LEU A 51 17.80 4.59 6.31
C LEU A 51 16.75 4.17 5.30
N TYR A 52 16.67 4.90 4.18
CA TYR A 52 15.74 4.54 3.09
C TYR A 52 16.35 3.39 2.31
N THR A 53 15.88 2.19 2.64
CA THR A 53 16.35 0.93 2.05
C THR A 53 15.95 0.78 0.56
N ALA A 54 15.00 1.59 0.09
CA ALA A 54 14.72 1.72 -1.34
C ALA A 54 15.93 2.26 -2.13
N CYS A 55 16.65 3.21 -1.53
CA CYS A 55 17.88 3.79 -2.12
C CYS A 55 19.05 2.81 -2.15
N VAL A 56 19.14 1.94 -1.14
CA VAL A 56 20.18 0.91 -1.12
C VAL A 56 19.99 0.01 -2.34
N TYR A 57 18.75 -0.38 -2.59
CA TYR A 57 18.43 -1.32 -3.67
C TYR A 57 18.23 -0.68 -5.05
N HIS A 58 18.72 0.54 -5.25
CA HIS A 58 18.69 1.21 -6.56
C HIS A 58 20.00 1.96 -6.86
N LYS A 59 20.20 2.28 -8.13
CA LYS A 59 21.34 3.11 -8.55
C LYS A 59 21.10 4.55 -8.09
N LEU A 60 22.18 5.22 -7.65
CA LEU A 60 22.16 6.59 -7.15
C LEU A 60 22.96 7.52 -8.06
N PHE A 61 22.45 8.73 -8.25
CA PHE A 61 23.19 9.79 -8.92
C PHE A 61 24.22 10.36 -7.95
N ASP A 62 25.47 10.48 -8.40
CA ASP A 62 26.51 11.19 -7.68
C ASP A 62 26.95 12.45 -8.44
N ALA A 63 26.56 13.61 -7.91
CA ALA A 63 26.90 14.92 -8.52
C ALA A 63 28.40 15.10 -8.77
N SER A 64 29.19 14.75 -7.75
CA SER A 64 30.65 14.92 -7.76
C SER A 64 31.43 14.09 -8.81
N ASP A 65 30.78 13.12 -9.46
CA ASP A 65 31.35 12.38 -10.60
C ASP A 65 30.78 12.83 -11.96
N SER A 66 30.36 14.10 -12.06
CA SER A 66 29.94 14.69 -13.35
C SER A 66 30.50 16.10 -13.47
N SER A 67 31.37 16.30 -14.45
CA SER A 67 31.93 17.63 -14.73
C SER A 67 30.89 18.63 -15.24
N SER A 68 29.78 18.13 -15.75
CA SER A 68 28.69 18.99 -16.25
C SER A 68 27.64 19.37 -15.18
N TYR A 69 27.74 18.83 -13.97
CA TYR A 69 26.81 19.19 -12.87
C TYR A 69 26.72 20.70 -12.65
N LYS A 70 25.55 21.13 -12.16
CA LYS A 70 25.27 22.54 -11.92
C LYS A 70 24.27 22.63 -10.75
N HIS A 71 24.81 22.69 -9.53
CA HIS A 71 24.05 22.78 -8.27
C HIS A 71 22.95 23.85 -8.31
N ASN A 72 21.74 23.48 -7.90
CA ASN A 72 20.70 24.46 -7.56
C ASN A 72 20.27 24.18 -6.11
N GLY A 73 19.73 22.99 -5.87
CA GLY A 73 19.41 22.51 -4.54
C GLY A 73 18.11 23.01 -3.92
N THR A 74 17.18 23.51 -4.74
CA THR A 74 15.88 23.95 -4.24
C THR A 74 15.02 22.73 -3.88
N GLU A 75 14.34 22.77 -2.73
CA GLU A 75 13.55 21.62 -2.28
C GLU A 75 12.44 21.28 -3.27
N LEU A 76 12.21 19.97 -3.42
CA LEU A 76 11.18 19.45 -4.31
C LEU A 76 10.42 18.30 -3.66
N THR A 77 9.09 18.31 -3.76
CA THR A 77 8.25 17.18 -3.35
C THR A 77 7.23 16.85 -4.44
N LEU A 78 7.07 15.55 -4.67
CA LEU A 78 6.24 14.99 -5.73
C LEU A 78 5.22 14.02 -5.15
N ARG A 79 3.94 14.37 -5.23
CA ARG A 79 2.86 13.52 -4.73
C ARG A 79 2.45 12.48 -5.79
N TYR A 80 2.46 11.21 -5.40
CA TYR A 80 1.81 10.14 -6.15
C TYR A 80 0.75 9.56 -5.22
N SER A 81 -0.14 8.73 -5.76
CA SER A 81 -1.21 8.10 -4.97
C SER A 81 -0.71 7.21 -3.80
N THR A 82 0.51 6.69 -3.94
CA THR A 82 1.16 5.87 -2.91
C THR A 82 2.15 6.68 -2.06
N GLY A 83 1.73 7.85 -1.61
CA GLY A 83 2.63 8.77 -0.87
C GLY A 83 3.62 9.50 -1.77
N THR A 84 4.47 10.32 -1.13
CA THR A 84 5.31 11.29 -1.84
C THR A 84 6.77 10.83 -1.97
N VAL A 85 7.53 11.49 -2.85
CA VAL A 85 9.00 11.44 -2.82
C VAL A 85 9.55 12.86 -2.75
N SER A 86 10.53 13.07 -1.88
CA SER A 86 11.11 14.39 -1.60
C SER A 86 12.59 14.44 -1.99
N GLY A 87 13.04 15.60 -2.44
CA GLY A 87 14.45 15.80 -2.77
C GLY A 87 14.79 17.26 -2.98
N PHE A 88 15.85 17.49 -3.73
CA PHE A 88 16.24 18.84 -4.14
C PHE A 88 16.50 18.86 -5.66
N LEU A 89 16.21 19.99 -6.30
CA LEU A 89 16.52 20.17 -7.70
C LEU A 89 18.03 20.23 -7.92
N SER A 90 18.46 19.71 -9.05
CA SER A 90 19.76 20.01 -9.58
C SER A 90 19.73 19.93 -11.11
N GLN A 91 20.83 20.27 -11.76
CA GLN A 91 20.90 20.34 -13.21
C GLN A 91 22.06 19.50 -13.69
N ASP A 92 21.88 18.83 -14.82
CA ASP A 92 22.98 18.11 -15.48
C ASP A 92 22.56 17.72 -16.89
N ILE A 93 23.52 17.21 -17.66
CA ILE A 93 23.35 16.83 -19.05
C ILE A 93 22.78 15.39 -19.11
N ILE A 94 21.62 15.23 -19.76
CA ILE A 94 20.87 13.95 -19.79
C ILE A 94 20.80 13.37 -21.20
N THR A 95 20.98 12.05 -21.31
CA THR A 95 20.99 11.33 -22.58
C THR A 95 19.79 10.40 -22.68
N VAL A 96 19.03 10.51 -23.77
CA VAL A 96 17.86 9.66 -24.02
C VAL A 96 18.00 9.04 -25.41
N GLY A 97 18.68 7.90 -25.46
CA GLY A 97 19.05 7.30 -26.73
C GLY A 97 20.06 8.18 -27.45
N GLY A 98 19.62 8.81 -28.54
CA GLY A 98 20.47 9.64 -29.39
C GLY A 98 20.47 11.13 -29.10
N ILE A 99 19.54 11.58 -28.27
CA ILE A 99 19.38 13.00 -27.92
C ILE A 99 20.02 13.25 -26.57
N THR A 100 20.65 14.41 -26.43
CA THR A 100 21.28 14.84 -25.19
C THR A 100 20.80 16.26 -24.89
N VAL A 101 20.25 16.48 -23.70
CA VAL A 101 19.77 17.82 -23.29
C VAL A 101 20.24 18.20 -21.89
N THR A 102 20.48 19.49 -21.68
CA THR A 102 20.70 20.03 -20.34
C THR A 102 19.31 20.11 -19.72
N GLN A 103 19.17 19.48 -18.56
CA GLN A 103 17.87 19.31 -17.89
C GLN A 103 17.98 19.52 -16.38
N MET A 104 16.95 20.17 -15.84
CA MET A 104 16.78 20.31 -14.41
C MET A 104 15.94 19.13 -13.93
N PHE A 105 16.49 18.41 -12.96
CA PHE A 105 15.84 17.22 -12.43
C PHE A 105 15.96 17.15 -10.90
N GLY A 106 15.12 16.34 -10.27
CA GLY A 106 15.15 16.17 -8.81
C GLY A 106 16.08 15.04 -8.37
N GLU A 107 16.80 15.30 -7.28
CA GLU A 107 17.57 14.26 -6.60
C GLU A 107 16.80 13.83 -5.36
N VAL A 108 16.20 12.65 -5.40
CA VAL A 108 15.37 12.17 -4.31
C VAL A 108 16.25 11.69 -3.15
N THR A 109 16.08 12.31 -1.98
CA THR A 109 16.73 11.91 -0.73
C THR A 109 15.74 11.34 0.31
N GLU A 110 14.47 11.19 -0.08
CA GLU A 110 13.46 10.51 0.73
C GLU A 110 12.59 9.65 -0.19
N MET A 111 12.86 8.35 -0.21
CA MET A 111 12.24 7.41 -1.13
C MET A 111 11.62 6.25 -0.34
N PRO A 112 10.34 6.36 0.05
CA PRO A 112 9.63 5.34 0.83
C PRO A 112 9.80 3.88 0.36
N ALA A 113 9.78 2.94 1.31
CA ALA A 113 9.81 1.51 0.99
C ALA A 113 8.52 1.04 0.30
N LEU A 114 7.39 1.60 0.71
CA LEU A 114 6.15 1.45 -0.04
C LEU A 114 6.05 2.71 -0.85
N PRO A 115 6.08 2.65 -2.18
CA PRO A 115 6.02 1.43 -2.99
C PRO A 115 7.34 0.92 -3.55
N PHE A 116 8.45 1.60 -3.29
CA PHE A 116 9.63 1.45 -4.15
C PHE A 116 10.55 0.24 -3.96
N MET A 117 10.40 -0.51 -2.86
CA MET A 117 11.07 -1.80 -2.75
C MET A 117 10.62 -2.78 -3.86
N LEU A 118 9.38 -2.64 -4.33
CA LEU A 118 8.89 -3.47 -5.43
C LEU A 118 9.22 -2.92 -6.83
N ALA A 119 9.93 -1.78 -6.89
CA ALA A 119 10.16 -1.04 -8.13
C ALA A 119 11.45 -1.46 -8.81
N GLU A 120 11.34 -2.08 -9.98
CA GLU A 120 12.51 -2.47 -10.80
C GLU A 120 13.17 -1.25 -11.47
N PHE A 121 12.42 -0.18 -11.62
CA PHE A 121 12.94 1.09 -12.10
C PHE A 121 13.58 1.90 -10.94
N ASP A 122 14.51 2.77 -11.30
CA ASP A 122 15.13 3.73 -10.38
C ASP A 122 14.38 5.07 -10.38
N GLY A 123 14.15 5.61 -11.58
CA GLY A 123 13.58 6.95 -11.73
C GLY A 123 12.32 7.01 -12.56
N VAL A 124 11.95 8.25 -12.87
CA VAL A 124 10.80 8.57 -13.73
C VAL A 124 11.16 9.76 -14.61
N VAL A 125 10.66 9.75 -15.84
CA VAL A 125 10.77 10.87 -16.75
C VAL A 125 9.35 11.33 -17.11
N GLY A 126 8.97 12.50 -16.62
CA GLY A 126 7.68 13.09 -16.95
C GLY A 126 7.61 13.57 -18.40
N MET A 127 6.56 13.14 -19.11
CA MET A 127 6.32 13.53 -20.49
C MET A 127 5.11 14.46 -20.65
N GLY A 128 4.59 14.94 -19.51
CA GLY A 128 3.48 15.88 -19.50
C GLY A 128 3.95 17.31 -19.64
N PHE A 129 3.03 18.24 -19.45
CA PHE A 129 3.24 19.64 -19.80
C PHE A 129 3.81 20.40 -18.62
N ILE A 130 4.46 21.53 -18.86
CA ILE A 130 4.96 22.41 -17.77
C ILE A 130 3.86 22.88 -16.80
N GLU A 131 2.63 22.99 -17.30
CA GLU A 131 1.45 23.21 -16.48
C GLU A 131 1.32 22.23 -15.29
N GLN A 132 1.69 20.97 -15.50
CA GLN A 132 1.68 19.94 -14.45
C GLN A 132 2.93 19.88 -13.60
N ALA A 133 4.04 20.42 -14.08
CA ALA A 133 5.34 20.28 -13.40
C ALA A 133 5.45 21.03 -12.09
N ILE A 134 6.02 20.37 -11.08
CA ILE A 134 6.19 20.98 -9.76
C ILE A 134 7.38 21.91 -9.83
N GLY A 135 7.18 23.16 -9.39
CA GLY A 135 8.20 24.24 -9.49
C GLY A 135 8.13 25.13 -10.73
N ARG A 136 7.24 24.80 -11.67
CA ARG A 136 7.33 25.29 -13.05
C ARG A 136 8.70 24.92 -13.67
N VAL A 137 9.21 23.75 -13.32
CA VAL A 137 10.49 23.23 -13.84
C VAL A 137 10.27 22.80 -15.29
N THR A 138 11.06 23.32 -16.22
CA THR A 138 10.87 22.99 -17.64
C THR A 138 10.99 21.46 -17.84
N PRO A 139 9.90 20.80 -18.31
CA PRO A 139 9.96 19.36 -18.51
C PRO A 139 10.89 18.96 -19.68
N ILE A 140 11.24 17.69 -19.77
CA ILE A 140 12.29 17.29 -20.71
C ILE A 140 11.89 17.36 -22.20
N PHE A 141 10.62 17.14 -22.54
CA PHE A 141 10.23 17.18 -23.95
C PHE A 141 10.12 18.61 -24.48
N ASP A 142 9.81 19.57 -23.59
CA ASP A 142 9.92 20.99 -23.93
C ASP A 142 11.35 21.30 -24.39
N ASN A 143 12.34 20.92 -23.58
CA ASN A 143 13.74 21.18 -23.89
C ASN A 143 14.20 20.49 -25.16
N ILE A 144 13.69 19.31 -25.44
CA ILE A 144 14.01 18.62 -26.68
C ILE A 144 13.36 19.32 -27.90
N ILE A 145 12.16 19.87 -27.75
CA ILE A 145 11.59 20.72 -28.80
C ILE A 145 12.46 21.98 -29.01
N SER A 146 12.84 22.64 -27.91
CA SER A 146 13.69 23.84 -27.93
C SER A 146 14.90 23.67 -28.82
N GLN A 147 15.42 22.44 -28.90
CA GLN A 147 16.61 22.15 -29.68
C GLN A 147 16.40 22.21 -31.18
N GLY A 148 15.17 22.06 -31.65
CA GLY A 148 14.88 22.02 -33.09
C GLY A 148 15.60 20.87 -33.77
N VAL A 149 15.70 19.75 -33.07
CA VAL A 149 16.38 18.58 -33.55
C VAL A 149 15.36 17.61 -34.15
N LEU A 150 14.24 17.39 -33.45
CA LEU A 150 13.23 16.40 -33.86
C LEU A 150 12.60 16.63 -35.22
N LYS A 151 12.15 15.54 -35.81
CA LYS A 151 11.48 15.52 -37.09
C LYS A 151 10.10 16.20 -36.99
N GLU A 152 9.25 15.67 -36.10
CA GLU A 152 7.96 16.27 -35.76
C GLU A 152 7.93 16.35 -34.25
N ASP A 153 7.22 17.33 -33.70
CA ASP A 153 7.17 17.51 -32.24
C ASP A 153 6.20 16.49 -31.60
N VAL A 154 6.59 15.21 -31.64
CA VAL A 154 5.80 14.12 -31.06
C VAL A 154 6.72 13.07 -30.45
N PHE A 155 6.13 12.23 -29.61
CA PHE A 155 6.76 10.97 -29.15
C PHE A 155 5.68 9.90 -29.07
N SER A 156 6.09 8.64 -28.98
CA SER A 156 5.13 7.54 -29.03
C SER A 156 5.55 6.28 -28.28
N PHE A 157 4.55 5.46 -27.96
CA PHE A 157 4.71 4.34 -27.07
C PHE A 157 4.29 2.99 -27.67
N TYR A 158 5.09 1.97 -27.36
CA TYR A 158 4.79 0.59 -27.66
C TYR A 158 5.00 -0.20 -26.39
N TYR A 159 3.94 -0.83 -25.90
CA TYR A 159 4.05 -1.82 -24.83
C TYR A 159 3.65 -3.17 -25.37
N ASN A 160 4.51 -4.16 -25.14
CA ASN A 160 4.27 -5.53 -25.55
C ASN A 160 3.68 -6.30 -24.37
N ARG A 161 3.12 -7.46 -24.68
CA ARG A 161 2.83 -8.44 -23.65
C ARG A 161 4.12 -9.13 -23.24
N ASP A 162 4.13 -9.71 -22.04
CA ASP A 162 5.31 -10.37 -21.51
C ASP A 162 5.28 -11.82 -21.98
N SER A 163 6.06 -12.15 -23.01
CA SER A 163 6.02 -13.48 -23.66
C SER A 163 7.14 -14.42 -23.21
N GLU A 164 8.33 -13.87 -22.98
CA GLU A 164 9.55 -14.62 -22.63
C GLU A 164 10.10 -15.41 -23.83
N SER A 168 12.88 -11.53 -27.13
CA SER A 168 11.67 -10.72 -27.30
C SER A 168 11.90 -9.25 -26.98
N LEU A 169 10.95 -8.39 -27.41
CA LEU A 169 11.05 -6.93 -27.21
C LEU A 169 10.00 -6.39 -26.22
N GLY A 170 10.47 -5.90 -25.07
CA GLY A 170 9.55 -5.48 -24.01
C GLY A 170 8.60 -4.36 -24.43
N GLY A 171 9.16 -3.31 -25.00
CA GLY A 171 8.40 -2.17 -25.45
C GLY A 171 9.35 -1.18 -26.09
N GLN A 172 8.84 -0.03 -26.54
CA GLN A 172 9.68 0.98 -27.19
C GLN A 172 9.02 2.35 -27.29
N ILE A 173 9.53 3.28 -26.50
CA ILE A 173 9.31 4.72 -26.74
C ILE A 173 10.10 5.23 -27.95
N VAL A 174 9.46 6.07 -28.76
CA VAL A 174 10.08 6.69 -29.93
C VAL A 174 9.88 8.21 -29.90
N LEU A 175 10.97 8.95 -29.76
CA LEU A 175 10.94 10.42 -29.78
C LEU A 175 10.98 10.91 -31.21
N GLY A 176 10.16 11.93 -31.49
CA GLY A 176 10.14 12.57 -32.81
C GLY A 176 9.37 11.83 -33.89
N GLY A 177 8.46 10.95 -33.49
CA GLY A 177 7.70 10.16 -34.46
C GLY A 177 7.25 8.82 -33.93
N SER A 178 6.97 7.91 -34.86
CA SER A 178 6.39 6.63 -34.51
C SER A 178 6.97 5.52 -35.37
N ASP A 179 6.98 4.31 -34.81
CA ASP A 179 7.53 3.15 -35.48
C ASP A 179 6.38 2.42 -36.19
N PRO A 180 6.37 2.42 -37.54
CA PRO A 180 5.27 1.79 -38.28
C PRO A 180 5.36 0.27 -38.25
N GLN A 181 6.51 -0.28 -37.88
CA GLN A 181 6.69 -1.71 -37.72
C GLN A 181 5.92 -2.26 -36.51
N HIS A 182 5.67 -1.41 -35.51
CA HIS A 182 4.95 -1.82 -34.30
C HIS A 182 3.45 -1.40 -34.25
N TYR A 183 2.90 -0.90 -35.36
CA TYR A 183 1.45 -0.72 -35.49
C TYR A 183 0.99 -0.98 -36.93
N GLU A 184 -0.31 -1.22 -37.11
CA GLU A 184 -0.88 -1.46 -38.43
C GLU A 184 -2.03 -0.51 -38.74
N GLY A 185 -2.31 -0.36 -40.01
CA GLY A 185 -3.26 0.65 -40.48
C GLY A 185 -2.69 2.04 -40.31
N ASN A 186 -3.59 3.02 -40.17
CA ASN A 186 -3.22 4.43 -39.94
C ASN A 186 -3.65 4.82 -38.52
N PHE A 187 -3.21 6.00 -38.10
CA PHE A 187 -3.62 6.54 -36.81
C PHE A 187 -5.03 7.14 -36.85
N HIS A 188 -5.76 6.94 -35.75
CA HIS A 188 -6.98 7.67 -35.48
C HIS A 188 -6.67 8.71 -34.40
N TYR A 189 -6.82 9.99 -34.74
CA TYR A 189 -6.37 11.09 -33.86
C TYR A 189 -7.52 11.66 -33.05
N ILE A 190 -7.23 12.02 -31.79
CA ILE A 190 -8.22 12.64 -30.90
C ILE A 190 -7.57 13.86 -30.26
N ASN A 191 -8.19 15.02 -30.45
CA ASN A 191 -7.69 16.29 -29.91
C ASN A 191 -7.86 16.30 -28.41
N LEU A 192 -6.91 16.93 -27.73
CA LEU A 192 -6.96 17.08 -26.29
C LEU A 192 -8.09 18.03 -25.96
N ILE A 193 -8.72 17.81 -24.80
CA ILE A 193 -9.70 18.75 -24.26
C ILE A 193 -9.03 20.11 -24.24
N LYS A 194 -7.89 20.18 -23.57
CA LYS A 194 -7.15 21.40 -23.41
C LYS A 194 -5.65 21.09 -23.37
N THR A 195 -4.83 22.12 -23.53
CA THR A 195 -3.39 22.03 -23.33
C THR A 195 -3.08 21.87 -21.86
N GLY A 196 -1.99 21.17 -21.54
CA GLY A 196 -1.55 20.98 -20.15
C GLY A 196 -1.70 19.57 -19.60
N VAL A 197 -2.60 18.78 -20.19
CA VAL A 197 -2.83 17.41 -19.73
C VAL A 197 -3.02 16.51 -20.94
N TRP A 198 -2.36 15.35 -20.95
CA TRP A 198 -2.63 14.34 -21.99
C TRP A 198 -3.97 13.66 -21.71
N GLN A 199 -5.04 14.45 -21.77
CA GLN A 199 -6.38 14.05 -21.37
C GLN A 199 -7.40 14.43 -22.45
N ILE A 200 -8.17 13.43 -22.86
CA ILE A 200 -9.09 13.54 -23.98
C ILE A 200 -10.49 13.19 -23.50
N GLN A 201 -11.49 13.55 -24.28
CA GLN A 201 -12.85 13.29 -23.90
C GLN A 201 -13.27 11.88 -24.30
N MET A 202 -13.90 11.16 -23.38
CA MET A 202 -14.43 9.83 -23.61
C MET A 202 -15.95 9.93 -23.62
N LYS A 203 -16.58 9.28 -24.59
CA LYS A 203 -18.01 9.41 -24.85
C LYS A 203 -18.86 8.20 -24.40
N GLY A 204 -18.22 7.17 -23.85
CA GLY A 204 -18.90 6.01 -23.31
C GLY A 204 -17.93 4.94 -22.86
N VAL A 205 -18.31 4.17 -21.85
CA VAL A 205 -17.61 2.93 -21.51
C VAL A 205 -18.67 1.84 -21.48
N SER A 206 -18.40 0.77 -22.22
CA SER A 206 -19.39 -0.24 -22.52
C SER A 206 -18.92 -1.65 -22.09
N VAL A 207 -19.89 -2.51 -21.74
CA VAL A 207 -19.66 -3.91 -21.36
C VAL A 207 -20.59 -4.78 -22.21
N GLY A 208 -20.02 -5.75 -22.94
CA GLY A 208 -20.76 -6.40 -24.01
C GLY A 208 -21.18 -5.36 -25.04
N SER A 209 -22.40 -5.49 -25.55
CA SER A 209 -23.01 -4.40 -26.34
C SER A 209 -23.58 -3.27 -25.44
N SER A 210 -24.00 -3.64 -24.22
CA SER A 210 -24.64 -2.70 -23.27
C SER A 210 -23.68 -1.59 -22.79
N THR A 211 -23.90 -0.36 -23.28
CA THR A 211 -23.13 0.80 -22.82
C THR A 211 -23.57 1.18 -21.39
N LEU A 212 -22.71 0.92 -20.40
CA LEU A 212 -23.08 1.08 -18.99
C LEU A 212 -22.83 2.48 -18.43
N LEU A 213 -21.62 3.02 -18.66
CA LEU A 213 -21.12 4.19 -17.94
C LEU A 213 -20.60 5.29 -18.86
N CYS A 214 -20.21 6.42 -18.24
CA CYS A 214 -19.70 7.58 -18.95
C CYS A 214 -20.63 7.90 -20.13
N GLU A 215 -21.94 7.73 -19.89
CA GLU A 215 -22.96 7.73 -20.94
C GLU A 215 -23.03 9.07 -21.65
N ASP A 216 -23.04 10.14 -20.84
CA ASP A 216 -23.08 11.52 -21.31
C ASP A 216 -21.69 12.14 -21.50
N GLY A 217 -20.66 11.49 -20.97
CA GLY A 217 -19.30 11.90 -21.22
C GLY A 217 -18.49 12.11 -19.96
N CYS A 218 -17.19 11.96 -20.13
CA CYS A 218 -16.23 12.02 -19.04
C CYS A 218 -14.84 12.03 -19.67
N LEU A 219 -13.84 12.27 -18.83
CA LEU A 219 -12.48 12.45 -19.33
C LEU A 219 -11.70 11.14 -19.22
N ALA A 220 -10.69 11.01 -20.06
CA ALA A 220 -9.83 9.85 -20.05
C ALA A 220 -8.37 10.27 -20.22
N LEU A 221 -7.66 10.31 -19.09
CA LEU A 221 -6.24 10.64 -19.05
C LEU A 221 -5.44 9.50 -19.68
N VAL A 222 -4.56 9.80 -20.61
CA VAL A 222 -3.76 8.77 -21.28
C VAL A 222 -2.37 8.69 -20.64
N ASP A 223 -2.17 7.66 -19.82
CA ASP A 223 -1.10 7.60 -18.81
C ASP A 223 -0.09 6.45 -19.02
N THR A 224 1.02 6.74 -19.66
CA THR A 224 2.08 5.73 -19.89
C THR A 224 2.74 5.21 -18.60
N GLY A 225 2.64 5.97 -17.50
CA GLY A 225 3.12 5.55 -16.19
C GLY A 225 2.20 4.67 -15.38
N ALA A 226 0.98 4.46 -15.85
CA ALA A 226 0.01 3.64 -15.14
C ALA A 226 0.07 2.18 -15.62
N SER A 227 0.01 1.23 -14.70
CA SER A 227 0.03 -0.20 -15.01
C SER A 227 -1.32 -0.72 -15.45
N TYR A 228 -2.37 -0.19 -14.81
CA TYR A 228 -3.74 -0.65 -14.96
C TYR A 228 -4.60 0.48 -15.51
N ILE A 229 -5.70 0.12 -16.16
CA ILE A 229 -6.77 1.08 -16.43
C ILE A 229 -7.34 1.42 -15.08
N SER A 230 -7.76 2.67 -14.91
CA SER A 230 -8.40 3.09 -13.68
C SER A 230 -9.57 4.01 -13.98
N GLY A 231 -10.55 3.99 -13.09
CA GLY A 231 -11.69 4.91 -13.12
C GLY A 231 -12.14 5.28 -11.72
N SER A 232 -13.11 6.18 -11.64
CA SER A 232 -13.62 6.60 -10.34
C SER A 232 -14.12 5.37 -9.60
N THR A 233 -14.20 5.45 -8.27
CA THR A 233 -14.69 4.33 -7.48
C THR A 233 -16.11 3.93 -7.91
N SER A 234 -17.01 4.90 -8.07
CA SER A 234 -18.39 4.59 -8.49
C SER A 234 -18.50 4.04 -9.90
N SER A 235 -17.59 4.46 -10.79
CA SER A 235 -17.52 3.90 -12.14
C SER A 235 -17.04 2.45 -12.10
N ILE A 236 -15.96 2.21 -11.35
CA ILE A 236 -15.32 0.88 -11.31
C ILE A 236 -16.18 -0.14 -10.58
N GLU A 237 -16.90 0.26 -9.54
CA GLU A 237 -17.75 -0.70 -8.85
C GLU A 237 -18.91 -1.15 -9.76
N LYS A 238 -19.48 -0.22 -10.52
CA LYS A 238 -20.48 -0.58 -11.54
C LYS A 238 -19.94 -1.46 -12.67
N LEU A 239 -18.69 -1.25 -13.07
CA LEU A 239 -18.00 -2.11 -14.05
C LEU A 239 -17.71 -3.51 -13.49
N MET A 240 -17.12 -3.57 -12.30
CA MET A 240 -16.72 -4.85 -11.70
C MET A 240 -17.91 -5.68 -11.26
N GLU A 241 -19.04 -5.02 -11.00
CA GLU A 241 -20.31 -5.71 -10.73
C GLU A 241 -20.83 -6.37 -11.98
N ALA A 242 -20.71 -5.69 -13.11
CA ALA A 242 -21.16 -6.24 -14.40
C ALA A 242 -20.31 -7.43 -14.82
N LEU A 243 -18.99 -7.28 -14.68
CA LEU A 243 -18.06 -8.37 -14.99
C LEU A 243 -18.22 -9.53 -14.02
N GLY A 244 -18.60 -9.24 -12.79
CA GLY A 244 -18.79 -10.25 -11.76
C GLY A 244 -17.46 -10.59 -11.10
N ALA A 245 -16.69 -9.56 -10.77
CA ALA A 245 -15.41 -9.72 -10.10
C ALA A 245 -15.53 -9.36 -8.62
N LYS A 246 -14.83 -10.09 -7.74
CA LYS A 246 -14.79 -9.73 -6.31
C LYS A 246 -13.73 -8.66 -6.05
N LYS A 247 -13.92 -7.80 -5.04
CA LYS A 247 -12.85 -6.89 -4.57
C LYS A 247 -12.02 -7.58 -3.51
N ARG A 248 -10.81 -7.07 -3.34
CA ARG A 248 -9.90 -7.51 -2.29
C ARG A 248 -9.29 -6.24 -1.71
N LEU A 249 -8.25 -6.34 -0.89
CA LEU A 249 -7.68 -5.13 -0.27
C LEU A 249 -7.42 -4.01 -1.31
N PHE A 250 -6.75 -4.36 -2.41
CA PHE A 250 -6.27 -3.36 -3.38
C PHE A 250 -6.58 -3.61 -4.86
N ASP A 251 -7.03 -4.80 -5.25
CA ASP A 251 -7.30 -5.13 -6.67
C ASP A 251 -8.58 -5.95 -6.83
N TYR A 252 -8.99 -6.18 -8.09
CA TYR A 252 -10.16 -7.00 -8.40
C TYR A 252 -9.77 -8.31 -9.04
N VAL A 253 -10.51 -9.37 -8.70
CA VAL A 253 -10.20 -10.71 -9.14
C VAL A 253 -11.43 -11.46 -9.63
N VAL A 254 -11.17 -12.48 -10.43
CA VAL A 254 -12.18 -13.42 -10.91
C VAL A 254 -11.57 -14.84 -10.82
N LYS A 255 -12.42 -15.86 -10.87
CA LYS A 255 -11.92 -17.24 -10.89
C LYS A 255 -11.22 -17.42 -12.23
N CYS A 256 -10.05 -18.05 -12.21
CA CYS A 256 -9.25 -18.13 -13.43
C CYS A 256 -9.99 -18.81 -14.58
N ASN A 257 -10.82 -19.80 -14.28
CA ASN A 257 -11.61 -20.50 -15.31
C ASN A 257 -12.71 -19.64 -15.97
N GLU A 258 -13.13 -18.56 -15.31
CA GLU A 258 -14.18 -17.65 -15.81
C GLU A 258 -13.65 -16.55 -16.74
N GLY A 259 -12.38 -16.17 -16.55
CA GLY A 259 -11.74 -15.10 -17.29
C GLY A 259 -12.04 -15.06 -18.76
N PRO A 260 -11.64 -16.11 -19.51
CA PRO A 260 -11.87 -16.13 -20.95
C PRO A 260 -13.32 -15.90 -21.40
N THR A 261 -14.31 -16.22 -20.57
CA THR A 261 -15.73 -15.98 -20.90
C THR A 261 -16.28 -14.60 -20.49
N LEU A 262 -15.46 -13.79 -19.82
CA LEU A 262 -15.87 -12.44 -19.43
C LEU A 262 -16.14 -11.53 -20.63
N PRO A 263 -17.04 -10.54 -20.46
CA PRO A 263 -17.41 -9.72 -21.61
C PRO A 263 -16.26 -8.81 -22.03
N ASP A 264 -16.30 -8.39 -23.29
CA ASP A 264 -15.41 -7.34 -23.77
C ASP A 264 -15.75 -6.02 -23.06
N ILE A 265 -14.76 -5.15 -22.94
CA ILE A 265 -14.96 -3.79 -22.45
C ILE A 265 -14.57 -2.87 -23.58
N SER A 266 -15.48 -1.98 -23.98
CA SER A 266 -15.21 -1.00 -25.03
C SER A 266 -15.19 0.41 -24.46
N PHE A 267 -14.19 1.18 -24.89
CA PHE A 267 -14.04 2.59 -24.56
C PHE A 267 -14.36 3.33 -25.87
N HIS A 268 -15.21 4.35 -25.81
CA HIS A 268 -15.65 5.07 -27.02
C HIS A 268 -14.96 6.41 -27.15
N LEU A 269 -14.07 6.49 -28.15
CA LEU A 269 -13.12 7.59 -28.30
C LEU A 269 -13.08 8.04 -29.75
N GLY A 270 -13.06 9.36 -29.95
CA GLY A 270 -13.16 9.98 -31.27
C GLY A 270 -14.05 9.29 -32.29
N GLY A 271 -15.20 8.77 -31.84
CA GLY A 271 -16.18 8.15 -32.72
C GLY A 271 -16.10 6.63 -32.85
N LYS A 272 -14.88 6.10 -32.88
CA LYS A 272 -14.67 4.66 -32.89
C LYS A 272 -14.80 4.12 -31.48
N GLU A 273 -15.05 2.81 -31.38
CA GLU A 273 -14.95 2.12 -30.11
C GLU A 273 -13.64 1.33 -30.05
N TYR A 274 -13.05 1.31 -28.86
CA TYR A 274 -11.75 0.74 -28.59
C TYR A 274 -11.95 -0.40 -27.61
N THR A 275 -11.89 -1.62 -28.13
CA THR A 275 -12.31 -2.81 -27.39
C THR A 275 -11.14 -3.56 -26.76
N LEU A 276 -11.33 -3.96 -25.50
CA LEU A 276 -10.41 -4.83 -24.79
C LEU A 276 -11.15 -6.09 -24.40
N THR A 277 -10.65 -7.23 -24.85
CA THR A 277 -11.25 -8.53 -24.53
C THR A 277 -10.70 -9.02 -23.19
N SER A 278 -11.33 -10.03 -22.59
CA SER A 278 -10.81 -10.63 -21.36
C SER A 278 -9.35 -11.09 -21.47
N ALA A 279 -8.93 -11.47 -22.68
CA ALA A 279 -7.52 -11.78 -22.95
C ALA A 279 -6.62 -10.58 -22.68
N ASP A 280 -7.05 -9.38 -23.06
CA ASP A 280 -6.28 -8.15 -22.84
C ASP A 280 -6.25 -7.69 -21.36
N TYR A 281 -7.42 -7.72 -20.72
CA TYR A 281 -7.58 -7.14 -19.39
C TYR A 281 -7.43 -8.06 -18.17
N VAL A 282 -7.29 -9.38 -18.38
CA VAL A 282 -7.08 -10.34 -17.27
C VAL A 282 -5.63 -10.85 -17.26
N PHE A 283 -5.16 -11.23 -16.07
CA PHE A 283 -3.88 -11.94 -15.88
C PHE A 283 -4.14 -13.44 -15.72
N GLN A 284 -4.19 -14.15 -16.84
CA GLN A 284 -4.43 -15.58 -16.83
C GLN A 284 -3.15 -16.34 -16.48
N GLU A 285 -2.88 -16.50 -15.19
CA GLU A 285 -1.75 -17.33 -14.73
C GLU A 285 -2.07 -18.82 -14.91
N SER A 286 -3.25 -19.23 -14.47
CA SER A 286 -3.80 -20.54 -14.81
C SER A 286 -5.21 -20.35 -15.35
N TYR A 287 -5.87 -21.46 -15.66
CA TYR A 287 -7.29 -21.50 -16.01
C TYR A 287 -8.02 -22.43 -15.02
N SER A 288 -7.58 -22.39 -13.75
CA SER A 288 -8.10 -23.28 -12.72
C SER A 288 -9.31 -22.68 -11.99
N SER A 289 -10.34 -23.51 -11.77
CA SER A 289 -11.42 -23.15 -10.85
C SER A 289 -10.91 -22.86 -9.42
N LYS A 290 -9.83 -23.56 -9.05
CA LYS A 290 -9.26 -23.51 -7.71
C LYS A 290 -8.43 -22.24 -7.45
N LYS A 291 -8.31 -21.32 -8.41
CA LYS A 291 -7.48 -20.12 -8.26
C LYS A 291 -8.20 -18.81 -8.60
N LEU A 292 -7.59 -17.69 -8.20
CA LEU A 292 -8.11 -16.34 -8.45
C LEU A 292 -7.17 -15.52 -9.31
N CYS A 293 -7.66 -15.01 -10.43
CA CYS A 293 -6.85 -14.28 -11.38
C CYS A 293 -7.23 -12.79 -11.37
N THR A 294 -6.21 -11.94 -11.33
CA THR A 294 -6.37 -10.50 -11.15
C THR A 294 -6.74 -9.82 -12.47
N LEU A 295 -7.60 -8.81 -12.40
CA LEU A 295 -7.94 -7.98 -13.55
C LEU A 295 -7.06 -6.78 -13.51
N ALA A 296 -6.56 -6.37 -14.68
CA ALA A 296 -5.63 -5.23 -14.77
C ALA A 296 -6.38 -3.92 -14.88
N ILE A 297 -7.32 -3.71 -13.94
CA ILE A 297 -8.18 -2.55 -13.84
C ILE A 297 -8.44 -2.33 -12.34
N HIS A 298 -8.62 -1.08 -11.93
CA HIS A 298 -8.94 -0.76 -10.53
C HIS A 298 -9.48 0.65 -10.34
N ALA A 299 -9.89 0.91 -9.10
CA ALA A 299 -10.46 2.19 -8.72
C ALA A 299 -9.38 3.20 -8.38
N MET A 300 -9.48 4.39 -8.96
CA MET A 300 -8.83 5.55 -8.37
C MET A 300 -9.53 6.85 -8.67
N ASP A 301 -9.83 7.60 -7.61
CA ASP A 301 -10.47 8.89 -7.71
C ASP A 301 -9.35 9.89 -7.80
N ILE A 302 -8.97 10.21 -9.03
CA ILE A 302 -7.97 11.24 -9.28
C ILE A 302 -8.64 12.57 -8.91
N PRO A 303 -7.97 13.39 -8.07
CA PRO A 303 -8.56 14.64 -7.61
C PRO A 303 -8.64 15.73 -8.67
N PRO A 304 -9.50 16.74 -8.45
CA PRO A 304 -9.40 17.98 -9.21
C PRO A 304 -8.01 18.63 -9.08
N PRO A 305 -7.47 19.25 -10.13
CA PRO A 305 -8.20 19.56 -11.37
C PRO A 305 -8.20 18.45 -12.44
N THR A 306 -7.21 17.57 -12.43
CA THR A 306 -7.03 16.56 -13.49
C THR A 306 -8.21 15.60 -13.61
N GLY A 307 -8.79 15.24 -12.46
CA GLY A 307 -9.96 14.37 -12.41
C GLY A 307 -11.21 15.05 -11.85
N PRO A 308 -12.27 14.30 -11.58
CA PRO A 308 -12.36 12.84 -11.82
C PRO A 308 -12.13 12.50 -13.27
N THR A 309 -11.47 11.36 -13.50
CA THR A 309 -11.16 10.93 -14.84
C THR A 309 -10.79 9.47 -14.86
N TRP A 310 -10.98 8.82 -15.99
CA TRP A 310 -10.40 7.51 -16.24
C TRP A 310 -8.93 7.73 -16.59
N ALA A 311 -8.10 6.72 -16.31
CA ALA A 311 -6.71 6.70 -16.80
C ALA A 311 -6.56 5.44 -17.62
N LEU A 312 -6.19 5.58 -18.88
CA LEU A 312 -5.99 4.43 -19.73
C LEU A 312 -4.51 4.13 -19.71
N GLY A 313 -4.12 3.25 -18.78
CA GLY A 313 -2.73 2.86 -18.61
C GLY A 313 -2.27 1.74 -19.54
N ALA A 314 -1.28 0.99 -19.06
CA ALA A 314 -0.61 -0.04 -19.85
C ALA A 314 -1.60 -1.10 -20.37
N THR A 315 -2.54 -1.52 -19.53
CA THR A 315 -3.59 -2.46 -19.96
C THR A 315 -4.17 -2.08 -21.33
N PHE A 316 -4.37 -0.79 -21.54
CA PHE A 316 -4.90 -0.24 -22.79
C PHE A 316 -3.86 -0.08 -23.90
N ILE A 317 -2.74 0.52 -23.55
CA ILE A 317 -1.69 0.85 -24.51
C ILE A 317 -1.12 -0.39 -25.16
N ARG A 318 -1.06 -1.49 -24.41
CA ARG A 318 -0.62 -2.79 -24.95
C ARG A 318 -1.33 -3.13 -26.27
N LYS A 319 -2.62 -2.90 -26.34
CA LYS A 319 -3.41 -3.17 -27.55
C LYS A 319 -3.30 -2.07 -28.59
N PHE A 320 -3.20 -0.83 -28.13
CA PHE A 320 -3.18 0.35 -29.01
C PHE A 320 -1.93 1.19 -28.86
N TYR A 321 -1.12 1.23 -29.92
CA TYR A 321 0.07 2.08 -30.00
C TYR A 321 -0.38 3.52 -29.87
N THR A 322 0.35 4.33 -29.11
CA THR A 322 -0.09 5.69 -28.79
C THR A 322 0.95 6.75 -29.17
N GLU A 323 0.64 7.56 -30.18
CA GLU A 323 1.42 8.76 -30.54
C GLU A 323 0.90 9.96 -29.73
N PHE A 324 1.82 10.73 -29.14
CA PHE A 324 1.47 11.91 -28.35
C PHE A 324 1.91 13.14 -29.13
N ASP A 325 0.94 13.84 -29.72
CA ASP A 325 1.21 14.95 -30.65
C ASP A 325 1.24 16.28 -29.90
N ARG A 326 2.43 16.80 -29.76
CA ARG A 326 2.64 18.01 -29.01
C ARG A 326 2.51 19.24 -29.91
N ARG A 327 2.88 19.10 -31.20
CA ARG A 327 2.61 20.11 -32.23
C ARG A 327 1.12 20.43 -32.31
N ASN A 328 0.31 19.41 -32.57
CA ASN A 328 -1.15 19.55 -32.79
C ASN A 328 -2.06 19.28 -31.57
N ASN A 329 -1.46 19.06 -30.40
CA ASN A 329 -2.21 18.91 -29.14
C ASN A 329 -3.32 17.86 -29.28
N ARG A 330 -2.90 16.67 -29.68
CA ARG A 330 -3.79 15.55 -29.91
C ARG A 330 -3.06 14.24 -29.62
N ILE A 331 -3.83 13.16 -29.52
CA ILE A 331 -3.29 11.83 -29.32
C ILE A 331 -3.75 10.98 -30.48
N GLY A 332 -2.85 10.15 -30.99
CA GLY A 332 -3.15 9.18 -32.05
C GLY A 332 -3.09 7.75 -31.52
N PHE A 333 -4.11 6.96 -31.87
CA PHE A 333 -4.19 5.53 -31.51
C PHE A 333 -4.11 4.65 -32.76
N ALA A 334 -3.64 3.42 -32.61
CA ALA A 334 -3.44 2.54 -33.74
C ALA A 334 -3.19 1.13 -33.22
N LEU A 335 -3.83 0.13 -33.85
CA LEU A 335 -3.73 -1.26 -33.39
C LEU A 335 -2.28 -1.76 -33.35
N ALA A 336 -1.80 -2.12 -32.17
CA ALA A 336 -0.39 -2.42 -31.95
C ALA A 336 -0.06 -3.86 -32.36
N ARG A 337 1.21 -4.07 -32.72
CA ARG A 337 1.72 -5.37 -33.15
C ARG A 337 3.21 -5.47 -32.84
N GLY B 1 0.21 -18.31 42.27
CA GLY B 1 -0.16 -16.88 42.02
C GLY B 1 0.99 -15.93 42.24
N ASN B 2 0.65 -14.68 42.60
CA ASN B 2 1.63 -13.64 42.94
C ASN B 2 2.65 -13.29 41.83
N THR B 3 2.34 -13.55 40.55
CA THR B 3 3.25 -13.20 39.42
C THR B 3 2.66 -12.22 38.42
N THR B 4 3.41 -11.17 38.15
CA THR B 4 2.97 -10.08 37.28
C THR B 4 4.19 -9.68 36.48
N SER B 5 4.34 -10.26 35.29
CA SER B 5 5.43 -9.92 34.38
C SER B 5 5.01 -8.88 33.33
N SER B 6 5.75 -7.77 33.25
CA SER B 6 5.52 -6.72 32.24
C SER B 6 6.67 -6.58 31.23
N VAL B 7 6.32 -6.11 30.02
CA VAL B 7 7.21 -6.07 28.86
C VAL B 7 7.10 -4.71 28.20
N ILE B 8 8.24 -4.07 27.97
CA ILE B 8 8.27 -2.71 27.43
C ILE B 8 8.13 -2.76 25.90
N LEU B 9 7.26 -1.91 25.38
CA LEU B 9 6.95 -1.86 23.93
C LEU B 9 7.51 -0.59 23.30
N THR B 10 8.05 -0.72 22.09
CA THR B 10 8.48 0.44 21.30
C THR B 10 7.34 0.87 20.41
N ASN B 11 7.06 2.17 20.39
CA ASN B 11 6.06 2.74 19.48
C ASN B 11 6.80 3.31 18.30
N TYR B 12 6.57 2.73 17.12
CA TYR B 12 7.06 3.29 15.88
C TYR B 12 5.91 4.05 15.23
N MET B 13 5.91 5.37 15.44
CA MET B 13 5.09 6.31 14.67
C MET B 13 3.58 6.12 14.75
N ASP B 14 3.14 5.61 15.91
CA ASP B 14 1.75 5.27 16.21
C ASP B 14 1.18 4.13 15.37
N THR B 15 2.03 3.49 14.55
CA THR B 15 1.56 2.52 13.55
C THR B 15 1.93 1.08 13.95
N GLN B 16 3.11 0.90 14.56
CA GLN B 16 3.58 -0.42 14.98
C GLN B 16 3.99 -0.38 16.44
N TYR B 17 3.45 -1.29 17.24
CA TYR B 17 3.89 -1.45 18.61
C TYR B 17 4.38 -2.87 18.80
N TYR B 18 5.62 -3.00 19.28
CA TYR B 18 6.30 -4.28 19.44
C TYR B 18 7.20 -4.30 20.67
N GLY B 19 7.41 -5.50 21.21
CA GLY B 19 8.29 -5.71 22.36
C GLY B 19 9.28 -6.82 22.08
N GLU B 20 10.13 -7.08 23.07
CA GLU B 20 11.19 -8.07 22.96
C GLU B 20 10.77 -9.41 23.57
N ILE B 21 11.17 -10.50 22.93
CA ILE B 21 11.12 -11.85 23.52
C ILE B 21 12.35 -12.66 23.14
N GLY B 22 12.70 -13.62 23.98
CA GLY B 22 13.87 -14.45 23.75
C GLY B 22 13.41 -15.85 23.42
N ILE B 23 13.95 -16.42 22.34
CA ILE B 23 13.65 -17.81 21.98
C ILE B 23 14.96 -18.61 22.00
N GLY B 24 14.90 -19.83 22.54
CA GLY B 24 16.06 -20.73 22.56
C GLY B 24 16.99 -20.49 23.74
N THR B 25 17.99 -21.37 23.89
CA THR B 25 19.05 -21.22 24.90
C THR B 25 20.43 -21.35 24.22
N PRO B 26 21.28 -20.33 24.28
CA PRO B 26 20.99 -19.02 24.88
C PRO B 26 19.90 -18.24 24.10
N PRO B 27 19.17 -17.34 24.79
CA PRO B 27 18.12 -16.52 24.18
C PRO B 27 18.51 -15.80 22.88
N GLN B 28 17.76 -16.07 21.81
CA GLN B 28 17.83 -15.31 20.57
C GLN B 28 16.67 -14.29 20.61
N THR B 29 17.02 -13.00 20.64
CA THR B 29 16.06 -11.92 20.77
C THR B 29 15.28 -11.70 19.47
N PHE B 30 14.01 -11.32 19.59
CA PHE B 30 13.19 -10.89 18.45
C PHE B 30 12.26 -9.76 18.88
N LYS B 31 12.10 -8.75 18.01
CA LYS B 31 11.13 -7.67 18.22
C LYS B 31 9.78 -8.14 17.70
N VAL B 32 8.78 -8.28 18.57
CA VAL B 32 7.49 -8.92 18.20
C VAL B 32 6.28 -8.06 18.49
N VAL B 33 5.25 -8.18 17.66
CA VAL B 33 3.95 -7.54 17.89
C VAL B 33 3.06 -8.47 18.69
N PHE B 34 2.35 -7.94 19.67
CA PHE B 34 1.43 -8.75 20.49
C PHE B 34 0.01 -8.55 20.00
N ASP B 35 -0.49 -9.56 19.28
CA ASP B 35 -1.71 -9.48 18.47
C ASP B 35 -2.82 -10.36 19.07
N THR B 36 -3.87 -9.73 19.58
CA THR B 36 -5.06 -10.45 20.05
C THR B 36 -5.90 -11.02 18.91
N GLY B 37 -5.75 -10.46 17.72
CA GLY B 37 -6.41 -10.97 16.52
C GLY B 37 -5.83 -12.24 15.90
N SER B 38 -4.63 -12.66 16.34
CA SER B 38 -4.05 -13.97 15.99
C SER B 38 -3.78 -14.81 17.23
N SER B 39 -3.56 -16.12 17.02
CA SER B 39 -3.24 -17.11 18.07
C SER B 39 -1.93 -17.89 17.87
N ASN B 40 -1.20 -17.57 16.79
CA ASN B 40 0.01 -18.28 16.40
C ASN B 40 1.21 -17.40 16.71
N VAL B 41 2.28 -18.04 17.14
CA VAL B 41 3.57 -17.38 17.33
C VAL B 41 4.39 -17.71 16.09
N TRP B 42 5.04 -16.69 15.52
CA TRP B 42 5.89 -16.89 14.35
C TRP B 42 7.00 -15.84 14.29
N VAL B 43 8.20 -16.30 13.92
CA VAL B 43 9.36 -15.44 13.70
C VAL B 43 10.01 -15.84 12.38
N PRO B 44 10.85 -14.95 11.82
CA PRO B 44 11.61 -15.36 10.63
C PRO B 44 12.67 -16.45 10.92
N SER B 45 12.87 -17.34 9.95
CA SER B 45 13.82 -18.45 10.05
C SER B 45 15.12 -18.15 9.32
N SER B 46 16.21 -18.77 9.78
CA SER B 46 17.47 -18.80 9.03
C SER B 46 17.34 -19.69 7.79
N LYS B 47 16.38 -20.61 7.82
CA LYS B 47 15.99 -21.41 6.65
C LYS B 47 15.37 -20.57 5.53
N CYS B 48 14.98 -19.33 5.81
CA CYS B 48 14.44 -18.41 4.78
C CYS B 48 15.54 -17.97 3.81
N SER B 49 15.18 -17.92 2.52
CA SER B 49 16.10 -17.60 1.42
C SER B 49 16.45 -16.12 1.31
N ARG B 50 17.57 -15.85 0.64
CA ARG B 50 18.00 -14.48 0.38
C ARG B 50 17.15 -13.83 -0.73
N LEU B 51 16.41 -14.64 -1.51
CA LEU B 51 15.46 -14.14 -2.51
C LEU B 51 14.30 -13.35 -1.89
N TYR B 52 14.00 -13.62 -0.61
CA TYR B 52 13.08 -12.79 0.18
C TYR B 52 13.86 -11.74 0.96
N THR B 53 13.89 -10.50 0.47
CA THR B 53 14.68 -9.44 1.12
C THR B 53 14.13 -9.02 2.49
N ALA B 54 12.85 -9.29 2.75
CA ALA B 54 12.27 -9.07 4.07
C ALA B 54 12.95 -9.93 5.13
N CYS B 55 13.38 -11.14 4.76
CA CYS B 55 14.15 -12.01 5.66
C CYS B 55 15.58 -11.50 5.89
N VAL B 56 16.14 -10.80 4.90
CA VAL B 56 17.47 -10.21 5.04
C VAL B 56 17.47 -9.11 6.13
N TYR B 57 16.38 -8.35 6.23
CA TYR B 57 16.35 -7.17 7.10
C TYR B 57 15.75 -7.38 8.49
N HIS B 58 15.55 -8.63 8.90
CA HIS B 58 15.05 -8.96 10.24
C HIS B 58 15.81 -10.14 10.85
N LYS B 59 15.72 -10.29 12.16
CA LYS B 59 16.47 -11.34 12.84
C LYS B 59 15.87 -12.70 12.50
N LEU B 60 16.74 -13.71 12.42
CA LEU B 60 16.39 -15.02 11.91
C LEU B 60 16.65 -16.07 12.98
N PHE B 61 15.66 -16.89 13.29
CA PHE B 61 15.88 -17.98 14.22
C PHE B 61 16.70 -19.07 13.56
N ASP B 62 17.88 -19.32 14.12
CA ASP B 62 18.72 -20.43 13.72
C ASP B 62 18.56 -21.51 14.78
N ALA B 63 17.95 -22.62 14.38
CA ALA B 63 17.70 -23.75 15.29
C ALA B 63 18.98 -24.47 15.73
N SER B 64 20.04 -24.36 14.96
CA SER B 64 21.34 -24.92 15.31
C SER B 64 21.98 -24.28 16.56
N ASP B 65 21.63 -23.04 16.86
CA ASP B 65 22.17 -22.33 18.04
C ASP B 65 21.43 -22.62 19.36
N SER B 66 20.27 -23.28 19.31
CA SER B 66 19.50 -23.58 20.53
C SER B 66 19.61 -25.04 20.92
N SER B 67 20.24 -25.30 22.07
CA SER B 67 20.31 -26.65 22.64
C SER B 67 18.92 -27.22 22.97
N SER B 68 18.00 -26.34 23.38
CA SER B 68 16.63 -26.70 23.74
C SER B 68 15.64 -26.81 22.56
N TYR B 69 16.10 -26.58 21.32
CA TYR B 69 15.27 -26.79 20.13
C TYR B 69 14.85 -28.26 19.98
N LYS B 70 13.54 -28.50 19.88
CA LYS B 70 12.99 -29.79 19.43
C LYS B 70 12.43 -29.59 18.02
N HIS B 71 12.58 -30.61 17.18
CA HIS B 71 12.05 -30.58 15.82
C HIS B 71 10.55 -30.90 15.86
N ASN B 72 9.84 -30.38 14.86
CA ASN B 72 8.50 -30.85 14.49
C ASN B 72 8.37 -30.76 12.96
N GLY B 73 8.42 -29.55 12.42
CA GLY B 73 8.60 -29.33 10.97
C GLY B 73 7.39 -29.29 10.04
N THR B 74 6.17 -29.43 10.57
CA THR B 74 4.96 -29.38 9.74
C THR B 74 4.71 -28.01 9.10
N GLU B 75 4.42 -28.01 7.80
CA GLU B 75 4.17 -26.78 7.05
C GLU B 75 2.86 -26.15 7.49
N LEU B 76 2.88 -24.84 7.73
CA LEU B 76 1.64 -24.07 7.92
C LEU B 76 1.65 -22.78 7.09
N THR B 77 0.45 -22.28 6.79
CA THR B 77 0.28 -21.04 6.04
C THR B 77 -0.55 -20.07 6.87
N LEU B 78 0.04 -18.90 7.16
CA LEU B 78 -0.64 -17.83 7.91
C LEU B 78 -1.16 -16.71 6.99
N ARG B 79 -2.47 -16.70 6.74
CA ARG B 79 -3.10 -15.71 5.86
C ARG B 79 -3.30 -14.38 6.57
N TYR B 80 -2.95 -13.30 5.88
CA TYR B 80 -3.43 -11.96 6.21
C TYR B 80 -3.89 -11.33 4.90
N SER B 81 -4.63 -10.23 5.01
CA SER B 81 -5.16 -9.51 3.83
C SER B 81 -4.05 -8.89 2.97
N THR B 82 -3.02 -8.37 3.66
CA THR B 82 -1.91 -7.67 3.03
C THR B 82 -0.78 -8.59 2.51
N GLY B 83 -0.70 -9.80 3.05
CA GLY B 83 0.30 -10.76 2.59
C GLY B 83 0.25 -12.06 3.36
N THR B 84 0.26 -13.18 2.63
CA THR B 84 0.36 -14.51 3.22
C THR B 84 1.82 -14.85 3.56
N VAL B 85 2.09 -15.02 4.86
CA VAL B 85 3.38 -15.51 5.33
C VAL B 85 3.26 -17.04 5.58
N SER B 86 4.29 -17.79 5.19
CA SER B 86 4.31 -19.26 5.34
C SER B 86 5.62 -19.75 5.95
N GLY B 87 5.63 -21.02 6.36
CA GLY B 87 6.81 -21.63 6.94
C GLY B 87 6.54 -23.00 7.52
N PHE B 88 7.28 -23.38 8.56
CA PHE B 88 7.09 -24.65 9.26
C PHE B 88 7.04 -24.48 10.77
N LEU B 89 6.51 -25.48 11.47
CA LEU B 89 6.42 -25.47 12.95
C LEU B 89 7.66 -26.06 13.61
N SER B 90 7.97 -25.58 14.81
CA SER B 90 9.12 -26.07 15.59
C SER B 90 9.07 -25.56 17.03
N GLN B 91 9.43 -26.42 17.99
CA GLN B 91 9.30 -26.12 19.42
C GLN B 91 10.57 -25.53 19.99
N ASP B 92 10.40 -24.57 20.90
CA ASP B 92 11.50 -24.11 21.76
C ASP B 92 10.98 -23.43 23.03
N ILE B 93 11.91 -23.15 23.94
CA ILE B 93 11.66 -22.39 25.16
C ILE B 93 11.70 -20.88 24.85
N ILE B 94 10.60 -20.18 25.18
CA ILE B 94 10.45 -18.74 24.89
C ILE B 94 10.29 -17.94 26.16
N THR B 95 11.04 -16.85 26.28
CA THR B 95 10.96 -15.96 27.43
C THR B 95 10.17 -14.68 27.08
N VAL B 96 9.01 -14.51 27.74
CA VAL B 96 8.26 -13.25 27.66
C VAL B 96 8.32 -12.58 29.03
N GLY B 97 8.89 -11.38 29.09
CA GLY B 97 9.16 -10.68 30.35
C GLY B 97 10.02 -11.48 31.32
N GLY B 98 9.45 -11.82 32.49
CA GLY B 98 10.05 -12.78 33.43
C GLY B 98 9.59 -14.23 33.29
N ILE B 99 8.70 -14.50 32.34
CA ILE B 99 8.06 -15.81 32.18
C ILE B 99 8.77 -16.59 31.07
N THR B 100 8.85 -17.91 31.26
CA THR B 100 9.51 -18.82 30.33
C THR B 100 8.55 -19.99 30.07
N VAL B 101 8.39 -20.36 28.80
CA VAL B 101 7.40 -21.36 28.39
C VAL B 101 7.91 -22.16 27.20
N THR B 102 7.82 -23.50 27.30
CA THR B 102 8.11 -24.39 26.17
C THR B 102 6.96 -24.24 25.21
N GLN B 103 7.25 -23.76 24.01
CA GLN B 103 6.24 -23.19 23.10
C GLN B 103 6.43 -23.65 21.65
N MET B 104 5.31 -23.91 20.97
CA MET B 104 5.29 -24.30 19.56
C MET B 104 5.09 -23.09 18.68
N PHE B 105 5.94 -22.91 17.67
CA PHE B 105 5.93 -21.69 16.87
C PHE B 105 6.40 -21.85 15.45
N GLY B 106 5.96 -20.93 14.61
CA GLY B 106 6.28 -20.94 13.20
C GLY B 106 7.68 -20.41 12.95
N GLU B 107 8.44 -21.16 12.18
CA GLU B 107 9.64 -20.66 11.52
C GLU B 107 9.32 -20.25 10.08
N VAL B 108 9.30 -18.95 9.81
CA VAL B 108 8.86 -18.43 8.51
C VAL B 108 9.94 -18.55 7.45
N THR B 109 9.55 -19.06 6.28
CA THR B 109 10.41 -19.19 5.11
C THR B 109 9.96 -18.36 3.91
N GLU B 110 8.75 -17.80 3.93
CA GLU B 110 8.22 -16.99 2.83
C GLU B 110 7.57 -15.72 3.37
N MET B 111 8.28 -14.60 3.30
CA MET B 111 7.88 -13.33 3.90
C MET B 111 7.86 -12.21 2.82
N PRO B 112 6.66 -11.91 2.26
CA PRO B 112 6.48 -10.94 1.17
C PRO B 112 7.09 -9.56 1.37
N ALA B 113 7.78 -9.07 0.34
CA ALA B 113 8.37 -7.73 0.37
C ALA B 113 7.32 -6.72 0.84
N LEU B 114 6.16 -6.72 0.18
CA LEU B 114 5.00 -6.00 0.69
C LEU B 114 4.16 -7.01 1.46
N PRO B 115 3.87 -6.80 2.74
CA PRO B 115 4.13 -5.57 3.51
C PRO B 115 5.46 -5.53 4.29
N PHE B 116 6.13 -6.66 4.41
CA PHE B 116 7.10 -6.83 5.50
C PHE B 116 8.37 -6.02 5.39
N MET B 117 8.64 -5.43 4.22
CA MET B 117 9.73 -4.46 4.11
C MET B 117 9.45 -3.15 4.82
N LEU B 118 8.24 -2.96 5.33
CA LEU B 118 7.97 -1.85 6.26
C LEU B 118 7.80 -2.30 7.70
N ALA B 119 8.08 -3.56 7.97
CA ALA B 119 7.93 -4.11 9.32
C ALA B 119 9.15 -3.75 10.17
N GLU B 120 8.96 -2.78 11.06
CA GLU B 120 9.98 -2.40 12.04
C GLU B 120 10.25 -3.58 13.03
N PHE B 121 9.20 -4.34 13.30
CA PHE B 121 9.26 -5.58 14.08
C PHE B 121 9.73 -6.76 13.23
N ASP B 122 10.02 -7.86 13.91
CA ASP B 122 10.51 -9.10 13.30
C ASP B 122 9.39 -10.13 13.13
N GLY B 123 8.72 -10.46 14.24
CA GLY B 123 7.68 -11.49 14.29
C GLY B 123 6.42 -11.08 15.03
N VAL B 124 5.61 -12.07 15.39
CA VAL B 124 4.27 -11.85 15.98
C VAL B 124 3.95 -12.90 17.03
N VAL B 125 3.55 -12.45 18.22
CA VAL B 125 3.00 -13.34 19.25
C VAL B 125 1.47 -13.22 19.25
N GLY B 126 0.80 -14.30 18.87
CA GLY B 126 -0.65 -14.40 18.99
C GLY B 126 -1.18 -14.57 20.42
N MET B 127 -2.04 -13.63 20.81
CA MET B 127 -2.66 -13.63 22.12
C MET B 127 -4.12 -14.11 22.04
N GLY B 128 -4.54 -14.63 20.90
CA GLY B 128 -5.90 -15.16 20.73
C GLY B 128 -6.09 -16.57 21.27
N PHE B 129 -7.15 -17.22 20.82
CA PHE B 129 -7.55 -18.52 21.36
C PHE B 129 -7.14 -19.67 20.42
N ILE B 130 -7.17 -20.90 20.94
CA ILE B 130 -7.04 -22.14 20.16
C ILE B 130 -7.93 -22.11 18.90
N GLU B 131 -9.17 -21.65 19.08
CA GLU B 131 -10.19 -21.65 18.02
C GLU B 131 -9.72 -20.93 16.75
N GLN B 132 -8.91 -19.88 16.92
CA GLN B 132 -8.32 -19.13 15.81
C GLN B 132 -6.88 -19.56 15.42
N ALA B 133 -6.35 -20.61 16.04
CA ALA B 133 -4.95 -21.01 15.85
C ALA B 133 -4.86 -21.97 14.69
N ILE B 134 -3.97 -21.66 13.75
CA ILE B 134 -3.77 -22.49 12.58
C ILE B 134 -2.85 -23.65 12.97
N GLY B 135 -3.18 -24.85 12.49
CA GLY B 135 -2.48 -26.07 12.87
C GLY B 135 -2.93 -26.62 14.22
N ARG B 136 -4.03 -26.08 14.76
CA ARG B 136 -4.51 -26.44 16.10
C ARG B 136 -3.41 -26.40 17.19
N VAL B 137 -2.50 -25.41 17.10
CA VAL B 137 -1.33 -25.31 17.99
C VAL B 137 -1.72 -24.55 19.27
N THR B 138 -1.26 -25.05 20.42
CA THR B 138 -1.51 -24.41 21.70
C THR B 138 -0.84 -23.03 21.77
N PRO B 139 -1.64 -21.93 21.80
CA PRO B 139 -1.08 -20.57 21.85
C PRO B 139 -0.33 -20.27 23.15
N ILE B 140 0.50 -19.24 23.12
CA ILE B 140 1.41 -18.98 24.22
C ILE B 140 0.74 -18.64 25.54
N PHE B 141 -0.32 -17.85 25.54
CA PHE B 141 -0.97 -17.51 26.79
C PHE B 141 -1.61 -18.72 27.47
N ASP B 142 -2.01 -19.72 26.69
CA ASP B 142 -2.57 -20.96 27.24
C ASP B 142 -1.53 -21.80 27.96
N ASN B 143 -0.37 -21.93 27.32
CA ASN B 143 0.78 -22.59 27.95
C ASN B 143 1.16 -21.90 29.27
N ILE B 144 1.18 -20.56 29.27
CA ILE B 144 1.42 -19.75 30.49
C ILE B 144 0.34 -19.96 31.56
N ILE B 145 -0.95 -19.97 31.17
CA ILE B 145 -2.03 -20.22 32.13
C ILE B 145 -1.81 -21.56 32.83
N SER B 146 -1.41 -22.58 32.05
CA SER B 146 -1.20 -23.94 32.59
C SER B 146 0.08 -24.12 33.42
N GLN B 147 0.94 -23.11 33.49
CA GLN B 147 2.05 -23.11 34.45
C GLN B 147 1.63 -22.75 35.89
N GLY B 148 0.38 -22.31 36.10
CA GLY B 148 -0.15 -21.99 37.43
C GLY B 148 0.64 -20.90 38.13
N VAL B 149 1.19 -20.01 37.32
CA VAL B 149 2.21 -19.07 37.76
C VAL B 149 1.66 -17.64 37.82
N LEU B 150 0.78 -17.27 36.87
CA LEU B 150 0.20 -15.92 36.85
C LEU B 150 -0.71 -15.58 38.03
N LYS B 151 -0.55 -14.37 38.55
CA LYS B 151 -1.42 -13.81 39.58
C LYS B 151 -2.90 -13.98 39.25
N GLU B 152 -3.32 -13.47 38.09
CA GLU B 152 -4.66 -13.73 37.55
C GLU B 152 -4.52 -14.15 36.09
N ASP B 153 -5.50 -14.85 35.52
CA ASP B 153 -5.41 -15.26 34.11
C ASP B 153 -5.88 -14.13 33.17
N VAL B 154 -5.12 -13.02 33.19
CA VAL B 154 -5.42 -11.83 32.41
C VAL B 154 -4.14 -11.22 31.90
N PHE B 155 -4.27 -10.43 30.84
CA PHE B 155 -3.18 -9.60 30.33
C PHE B 155 -3.77 -8.30 29.80
N SER B 156 -2.98 -7.23 29.84
CA SER B 156 -3.46 -5.92 29.54
C SER B 156 -2.45 -5.14 28.74
N PHE B 157 -2.94 -4.17 27.97
CA PHE B 157 -2.13 -3.40 27.03
C PHE B 157 -2.21 -1.93 27.35
N TYR B 158 -1.08 -1.26 27.18
CA TYR B 158 -1.00 0.18 27.22
C TYR B 158 -0.33 0.61 25.91
N TYR B 159 -1.01 1.47 25.15
CA TYR B 159 -0.39 2.10 23.98
C TYR B 159 -0.32 3.61 24.22
N ASN B 160 0.85 4.17 23.93
CA ASN B 160 1.14 5.59 24.11
C ASN B 160 1.20 6.26 22.74
N ARG B 161 1.05 7.59 22.73
CA ARG B 161 1.25 8.44 21.55
C ARG B 161 2.73 8.74 21.36
N ASP B 162 3.18 8.70 20.11
CA ASP B 162 4.55 9.05 19.76
C ASP B 162 4.75 10.54 20.05
N SER B 163 5.79 10.84 20.82
CA SER B 163 6.10 12.21 21.26
C SER B 163 7.50 12.74 20.88
N GLU B 164 8.37 11.88 20.34
CA GLU B 164 9.76 12.23 19.98
C GLU B 164 10.62 12.69 21.18
N ASN B 165 10.91 11.75 22.09
CA ASN B 165 11.78 11.95 23.26
C ASN B 165 12.88 10.89 23.33
N SER B 168 10.41 9.17 26.45
CA SER B 168 9.05 8.62 26.28
C SER B 168 8.99 7.08 26.35
N LEU B 169 7.83 6.58 26.73
CA LEU B 169 7.55 5.14 26.82
C LEU B 169 6.60 4.76 25.70
N GLY B 170 6.99 3.77 24.89
CA GLY B 170 6.17 3.37 23.74
C GLY B 170 4.85 2.70 24.11
N GLY B 171 4.91 1.72 25.01
CA GLY B 171 3.73 1.01 25.49
C GLY B 171 4.11 -0.03 26.50
N GLN B 172 3.12 -0.77 27.02
CA GLN B 172 3.37 -1.82 28.03
C GLN B 172 2.29 -2.90 28.08
N ILE B 173 2.70 -4.12 27.69
CA ILE B 173 1.90 -5.36 27.85
C ILE B 173 2.28 -5.94 29.21
N VAL B 174 1.28 -6.15 30.08
CA VAL B 174 1.48 -6.75 31.41
C VAL B 174 0.72 -8.06 31.54
N LEU B 175 1.44 -9.16 31.70
CA LEU B 175 0.85 -10.49 31.90
C LEU B 175 0.56 -10.68 33.38
N GLY B 176 -0.66 -11.14 33.72
CA GLY B 176 -1.08 -11.38 35.13
C GLY B 176 -1.93 -10.31 35.80
N GLY B 177 -2.03 -9.14 35.18
CA GLY B 177 -2.81 -8.05 35.73
C GLY B 177 -2.71 -6.82 34.84
N SER B 178 -2.93 -5.66 35.45
CA SER B 178 -2.89 -4.37 34.77
C SER B 178 -2.17 -3.40 35.65
N ASP B 179 -1.52 -2.42 35.01
CA ASP B 179 -0.68 -1.44 35.71
C ASP B 179 -1.48 -0.16 35.99
N PRO B 180 -1.85 0.10 37.28
CA PRO B 180 -2.65 1.30 37.56
C PRO B 180 -1.91 2.61 37.33
N GLN B 181 -0.59 2.57 37.23
CA GLN B 181 0.18 3.75 36.86
C GLN B 181 -0.32 4.30 35.54
N HIS B 182 -0.60 3.43 34.56
CA HIS B 182 -1.05 3.85 33.22
C HIS B 182 -2.57 3.75 32.93
N TYR B 183 -3.42 3.97 33.93
CA TYR B 183 -4.85 4.26 33.72
C TYR B 183 -5.43 4.96 34.95
N GLU B 184 -6.55 5.68 34.74
CA GLU B 184 -7.25 6.34 35.85
C GLU B 184 -8.69 5.81 35.93
N GLY B 185 -9.28 5.87 37.12
CA GLY B 185 -10.61 5.31 37.36
C GLY B 185 -10.57 3.78 37.40
N ASN B 186 -11.74 3.15 37.31
CA ASN B 186 -11.87 1.69 37.36
C ASN B 186 -12.33 1.10 36.04
N PHE B 187 -11.94 -0.15 35.80
CA PHE B 187 -12.29 -0.82 34.55
C PHE B 187 -13.79 -0.95 34.46
N HIS B 188 -14.31 -0.73 33.24
CA HIS B 188 -15.68 -1.03 32.87
C HIS B 188 -15.62 -2.32 32.07
N TYR B 189 -16.19 -3.40 32.62
CA TYR B 189 -16.01 -4.74 32.04
C TYR B 189 -17.16 -5.14 31.12
N ILE B 190 -16.81 -5.68 29.94
CA ILE B 190 -17.76 -6.12 28.92
C ILE B 190 -17.61 -7.61 28.64
N ASN B 191 -18.74 -8.33 28.64
CA ASN B 191 -18.76 -9.74 28.25
C ASN B 191 -18.33 -9.93 26.82
N LEU B 192 -17.53 -10.97 26.61
CA LEU B 192 -17.26 -11.51 25.28
C LEU B 192 -18.54 -12.13 24.77
N ILE B 193 -18.88 -11.88 23.50
CA ILE B 193 -20.01 -12.56 22.84
C ILE B 193 -19.83 -14.06 22.98
N LYS B 194 -18.60 -14.52 22.75
CA LYS B 194 -18.33 -15.92 22.51
C LYS B 194 -16.89 -16.19 22.91
N THR B 195 -16.66 -17.34 23.56
CA THR B 195 -15.30 -17.79 23.84
C THR B 195 -14.64 -18.17 22.50
N GLY B 196 -13.36 -17.86 22.33
CA GLY B 196 -12.63 -18.21 21.09
C GLY B 196 -12.23 -17.05 20.21
N VAL B 197 -12.80 -15.87 20.48
CA VAL B 197 -12.40 -14.66 19.78
C VAL B 197 -12.53 -13.50 20.76
N TRP B 198 -11.63 -12.52 20.72
CA TRP B 198 -11.74 -11.34 21.57
C TRP B 198 -12.70 -10.35 20.92
N GLN B 199 -13.96 -10.75 20.82
CA GLN B 199 -14.97 -9.99 20.11
C GLN B 199 -16.09 -9.67 21.09
N ILE B 200 -16.55 -8.42 21.06
CA ILE B 200 -17.57 -7.94 21.98
C ILE B 200 -18.70 -7.27 21.21
N GLN B 201 -19.83 -7.14 21.90
CA GLN B 201 -21.04 -6.55 21.32
C GLN B 201 -20.89 -5.04 21.27
N MET B 202 -21.26 -4.45 20.15
CA MET B 202 -21.27 -2.99 19.97
C MET B 202 -22.64 -2.59 19.45
N LYS B 203 -23.22 -1.54 20.03
CA LYS B 203 -24.60 -1.12 19.74
C LYS B 203 -24.71 0.23 19.00
N GLY B 204 -23.60 0.81 18.56
CA GLY B 204 -23.67 1.92 17.62
C GLY B 204 -22.53 2.91 17.68
N VAL B 205 -22.04 3.29 16.50
CA VAL B 205 -21.05 4.36 16.38
C VAL B 205 -21.78 5.68 16.08
N SER B 206 -21.40 6.72 16.82
CA SER B 206 -21.95 8.06 16.66
C SER B 206 -20.93 9.03 16.08
N VAL B 207 -21.40 9.99 15.30
CA VAL B 207 -20.64 11.18 14.97
C VAL B 207 -21.32 12.34 15.68
N GLY B 208 -20.56 13.09 16.48
CA GLY B 208 -21.13 13.99 17.47
C GLY B 208 -21.97 13.17 18.44
N SER B 209 -23.27 13.42 18.43
CA SER B 209 -24.25 12.64 19.17
C SER B 209 -25.32 12.02 18.22
N SER B 210 -24.97 11.80 16.96
CA SER B 210 -25.89 11.23 15.97
C SER B 210 -25.44 9.83 15.63
N THR B 211 -26.18 8.82 16.11
CA THR B 211 -25.79 7.45 15.89
C THR B 211 -25.93 7.18 14.40
N LEU B 212 -24.79 7.12 13.74
CA LEU B 212 -24.69 7.05 12.30
C LEU B 212 -24.91 5.62 11.82
N LEU B 213 -24.33 4.66 12.54
CA LEU B 213 -24.25 3.28 12.09
C LEU B 213 -24.41 2.32 13.21
N CYS B 214 -24.57 1.04 12.84
CA CYS B 214 -24.58 -0.05 13.78
C CYS B 214 -25.65 0.21 14.85
N GLU B 215 -26.79 0.75 14.43
CA GLU B 215 -27.88 1.05 15.36
C GLU B 215 -28.51 -0.24 15.89
N ASP B 216 -28.51 -1.29 15.05
CA ASP B 216 -29.16 -2.56 15.35
C ASP B 216 -28.18 -3.64 15.85
N GLY B 217 -27.02 -3.22 16.35
CA GLY B 217 -25.99 -4.12 16.84
C GLY B 217 -24.99 -4.49 15.77
N CYS B 218 -23.74 -4.75 16.18
CA CYS B 218 -22.69 -5.27 15.30
C CYS B 218 -21.47 -5.67 16.13
N LEU B 219 -20.51 -6.32 15.50
CA LEU B 219 -19.36 -6.88 16.20
C LEU B 219 -18.14 -5.95 16.23
N ALA B 220 -17.44 -5.94 17.37
CA ALA B 220 -16.23 -5.17 17.54
C ALA B 220 -15.13 -6.09 18.04
N LEU B 221 -14.29 -6.54 17.13
CA LEU B 221 -13.07 -7.25 17.48
C LEU B 221 -12.18 -6.22 18.17
N VAL B 222 -11.62 -6.59 19.32
CA VAL B 222 -10.63 -5.75 20.01
C VAL B 222 -9.26 -6.31 19.69
N ASP B 223 -8.49 -5.57 18.87
CA ASP B 223 -7.33 -6.13 18.18
C ASP B 223 -6.05 -5.35 18.48
N THR B 224 -5.23 -5.88 19.37
CA THR B 224 -3.97 -5.22 19.71
C THR B 224 -2.98 -5.18 18.56
N GLY B 225 -3.17 -6.07 17.60
CA GLY B 225 -2.34 -6.12 16.39
C GLY B 225 -2.76 -5.20 15.28
N ALA B 226 -4.00 -4.72 15.34
CA ALA B 226 -4.52 -3.80 14.33
C ALA B 226 -4.03 -2.41 14.61
N SER B 227 -3.45 -1.79 13.60
CA SER B 227 -2.84 -0.50 13.80
C SER B 227 -3.89 0.61 13.84
N TYR B 228 -4.90 0.49 12.99
CA TYR B 228 -5.97 1.48 12.84
C TYR B 228 -7.26 0.88 13.44
N ILE B 229 -8.30 1.70 13.56
CA ILE B 229 -9.68 1.20 13.67
C ILE B 229 -10.14 0.81 12.26
N SER B 230 -10.98 -0.22 12.15
CA SER B 230 -11.48 -0.63 10.83
C SER B 230 -12.91 -1.10 10.91
N GLY B 231 -13.70 -0.75 9.90
CA GLY B 231 -15.07 -1.23 9.75
C GLY B 231 -15.29 -1.76 8.35
N SER B 232 -16.52 -2.19 8.07
CA SER B 232 -16.87 -2.67 6.73
C SER B 232 -16.73 -1.51 5.75
N THR B 233 -16.58 -1.85 4.47
CA THR B 233 -16.41 -0.82 3.44
C THR B 233 -17.63 0.08 3.33
N SER B 234 -18.81 -0.51 3.46
CA SER B 234 -20.03 0.28 3.48
C SER B 234 -20.15 1.05 4.82
N SER B 235 -19.74 0.44 5.93
CA SER B 235 -19.69 1.18 7.20
C SER B 235 -18.75 2.39 7.15
N ILE B 236 -17.56 2.20 6.60
CA ILE B 236 -16.55 3.26 6.62
C ILE B 236 -16.94 4.39 5.69
N GLU B 237 -17.42 4.11 4.47
CA GLU B 237 -17.76 5.20 3.55
C GLU B 237 -18.95 6.03 4.01
N LYS B 238 -19.80 5.49 4.88
CA LYS B 238 -20.82 6.30 5.56
C LYS B 238 -20.26 7.16 6.68
N LEU B 239 -19.26 6.65 7.40
CA LEU B 239 -18.57 7.44 8.43
C LEU B 239 -17.77 8.58 7.80
N MET B 240 -17.04 8.25 6.74
CA MET B 240 -16.16 9.23 6.10
C MET B 240 -16.94 10.33 5.40
N GLU B 241 -18.08 10.00 4.80
CA GLU B 241 -18.99 11.01 4.26
C GLU B 241 -19.37 12.04 5.33
N ALA B 242 -19.63 11.56 6.55
CA ALA B 242 -20.08 12.43 7.64
C ALA B 242 -18.99 13.31 8.25
N LEU B 243 -17.74 12.84 8.24
CA LEU B 243 -16.60 13.67 8.67
C LEU B 243 -16.10 14.59 7.55
N GLY B 244 -16.52 14.34 6.31
CA GLY B 244 -16.11 15.13 5.18
C GLY B 244 -14.69 14.79 4.76
N ALA B 245 -14.42 13.50 4.64
CA ALA B 245 -13.09 12.99 4.29
C ALA B 245 -13.10 12.40 2.86
N LYS B 246 -12.23 12.91 2.00
CA LYS B 246 -12.07 12.36 0.64
C LYS B 246 -11.24 11.09 0.73
N LYS B 247 -11.44 10.19 -0.23
CA LYS B 247 -10.71 8.92 -0.29
C LYS B 247 -9.50 9.03 -1.23
N ARG B 248 -8.34 8.59 -0.73
CA ARG B 248 -7.12 8.37 -1.55
C ARG B 248 -6.96 6.85 -1.80
N LEU B 249 -5.77 6.39 -2.20
CA LEU B 249 -5.58 4.95 -2.53
C LEU B 249 -5.73 3.99 -1.34
N PHE B 250 -4.78 4.04 -0.39
CA PHE B 250 -4.72 3.14 0.75
C PHE B 250 -5.13 3.80 2.08
N ASP B 251 -5.96 4.86 2.01
CA ASP B 251 -6.21 5.77 3.16
C ASP B 251 -7.25 6.87 2.86
N TYR B 252 -8.08 7.20 3.85
CA TYR B 252 -8.92 8.41 3.80
C TYR B 252 -8.17 9.61 4.39
N VAL B 253 -8.44 10.81 3.88
CA VAL B 253 -7.70 12.02 4.30
C VAL B 253 -8.62 13.22 4.49
N VAL B 254 -8.10 14.19 5.23
CA VAL B 254 -8.75 15.48 5.46
C VAL B 254 -7.67 16.57 5.43
N LYS B 255 -8.02 17.75 4.88
CA LYS B 255 -7.10 18.91 4.81
C LYS B 255 -6.60 19.25 6.22
N CYS B 256 -5.27 19.30 6.38
CA CYS B 256 -4.67 19.29 7.71
C CYS B 256 -5.17 20.40 8.64
N ASN B 257 -5.45 21.58 8.08
CA ASN B 257 -5.94 22.70 8.90
C ASN B 257 -7.33 22.44 9.52
N GLU B 258 -8.21 21.76 8.78
CA GLU B 258 -9.60 21.53 9.23
C GLU B 258 -9.78 20.19 9.95
N GLY B 259 -8.67 19.54 10.31
CA GLY B 259 -8.69 18.37 11.18
C GLY B 259 -9.29 18.63 12.55
N PRO B 260 -8.74 19.59 13.32
CA PRO B 260 -9.27 19.94 14.65
C PRO B 260 -10.77 20.27 14.70
N THR B 261 -11.32 20.77 13.59
CA THR B 261 -12.77 20.95 13.39
C THR B 261 -13.57 19.63 13.46
N LEU B 262 -13.07 18.58 12.79
CA LEU B 262 -13.79 17.31 12.67
C LEU B 262 -14.40 16.83 13.99
N PRO B 263 -15.63 16.31 13.94
CA PRO B 263 -16.35 16.04 15.18
C PRO B 263 -15.87 14.79 15.89
N ASP B 264 -16.36 14.61 17.11
CA ASP B 264 -16.08 13.42 17.88
C ASP B 264 -16.73 12.18 17.30
N ILE B 265 -16.12 11.03 17.60
CA ILE B 265 -16.64 9.73 17.20
C ILE B 265 -16.73 8.88 18.43
N SER B 266 -17.90 8.31 18.68
CA SER B 266 -18.13 7.50 19.88
C SER B 266 -18.47 6.05 19.51
N PHE B 267 -18.03 5.09 20.35
CA PHE B 267 -18.40 3.68 20.20
C PHE B 267 -19.19 3.27 21.43
N HIS B 268 -20.35 2.64 21.23
CA HIS B 268 -21.23 2.30 22.32
C HIS B 268 -20.90 0.87 22.71
N LEU B 269 -20.10 0.74 23.78
CA LEU B 269 -19.67 -0.55 24.29
C LEU B 269 -20.20 -0.72 25.71
N GLY B 270 -20.82 -1.88 25.98
CA GLY B 270 -21.35 -2.24 27.30
C GLY B 270 -22.16 -1.20 28.02
N GLY B 271 -22.98 -0.47 27.27
CA GLY B 271 -23.83 0.59 27.82
C GLY B 271 -23.21 1.97 27.86
N LYS B 272 -21.88 2.04 27.89
CA LYS B 272 -21.15 3.32 27.92
C LYS B 272 -20.70 3.74 26.52
N GLU B 273 -20.43 5.04 26.39
CA GLU B 273 -20.06 5.68 25.13
C GLU B 273 -18.55 6.00 25.14
N TYR B 274 -17.79 5.31 24.30
CA TYR B 274 -16.32 5.47 24.22
C TYR B 274 -15.92 6.45 23.13
N THR B 275 -15.54 7.68 23.52
CA THR B 275 -15.37 8.80 22.57
C THR B 275 -13.92 9.08 22.14
N LEU B 276 -13.70 9.15 20.82
CA LEU B 276 -12.44 9.59 20.20
C LEU B 276 -12.66 10.90 19.46
N THR B 277 -11.69 11.81 19.60
CA THR B 277 -11.75 13.15 19.02
C THR B 277 -10.82 13.26 17.78
N SER B 278 -10.93 14.36 17.04
CA SER B 278 -10.01 14.65 15.93
C SER B 278 -8.54 14.41 16.31
N ALA B 279 -8.12 14.93 17.45
CA ALA B 279 -6.76 14.73 17.93
C ALA B 279 -6.39 13.24 18.02
N ASP B 280 -7.34 12.43 18.51
CA ASP B 280 -7.16 10.99 18.64
C ASP B 280 -7.11 10.23 17.29
N TYR B 281 -8.04 10.54 16.37
CA TYR B 281 -8.17 9.75 15.13
C TYR B 281 -7.55 10.31 13.85
N VAL B 282 -6.94 11.50 13.91
CA VAL B 282 -6.28 12.08 12.74
C VAL B 282 -4.79 12.12 13.00
N PHE B 283 -4.00 11.75 11.97
CA PHE B 283 -2.55 11.93 11.99
C PHE B 283 -2.25 13.36 11.61
N GLN B 284 -2.20 14.22 12.61
CA GLN B 284 -2.01 15.64 12.39
C GLN B 284 -0.49 15.91 12.33
N GLU B 285 0.10 15.64 11.17
CA GLU B 285 1.55 15.87 10.92
C GLU B 285 1.89 17.36 10.83
N SER B 286 1.03 18.08 10.12
CA SER B 286 1.03 19.52 10.09
C SER B 286 -0.42 19.95 10.34
N TYR B 287 -0.64 21.25 10.46
CA TYR B 287 -1.98 21.82 10.50
C TYR B 287 -2.14 22.80 9.34
N SER B 288 -1.37 22.57 8.28
CA SER B 288 -1.27 23.52 7.16
C SER B 288 -2.48 23.39 6.24
N SER B 289 -3.00 24.52 5.79
CA SER B 289 -4.07 24.53 4.80
C SER B 289 -3.68 23.76 3.53
N LYS B 290 -2.44 23.96 3.08
CA LYS B 290 -1.92 23.33 1.86
C LYS B 290 -1.48 21.83 1.97
N LYS B 291 -1.69 21.18 3.12
CA LYS B 291 -1.31 19.75 3.31
C LYS B 291 -2.51 18.86 3.68
N LEU B 292 -2.37 17.57 3.38
CA LEU B 292 -3.43 16.56 3.58
C LEU B 292 -3.06 15.50 4.64
N CYS B 293 -3.87 15.42 5.70
CA CYS B 293 -3.61 14.54 6.86
C CYS B 293 -4.50 13.29 6.89
N THR B 294 -3.86 12.14 7.05
CA THR B 294 -4.55 10.85 7.04
C THR B 294 -5.30 10.57 8.36
N LEU B 295 -6.43 9.87 8.26
CA LEU B 295 -7.18 9.38 9.42
C LEU B 295 -6.70 7.99 9.79
N ALA B 296 -6.73 7.66 11.08
CA ALA B 296 -6.29 6.35 11.57
C ALA B 296 -7.47 5.35 11.61
N ILE B 297 -8.28 5.41 10.54
CA ILE B 297 -9.44 4.57 10.35
C ILE B 297 -9.45 4.20 8.88
N HIS B 298 -9.80 2.95 8.54
CA HIS B 298 -9.95 2.56 7.12
C HIS B 298 -10.89 1.37 6.93
N ALA B 299 -11.20 1.07 5.68
CA ALA B 299 -12.12 0.00 5.37
C ALA B 299 -11.42 -1.35 5.42
N MET B 300 -12.08 -2.32 6.05
CA MET B 300 -11.72 -3.73 5.91
C MET B 300 -12.90 -4.68 6.14
N ASP B 301 -13.14 -5.55 5.16
CA ASP B 301 -14.23 -6.54 5.24
C ASP B 301 -13.71 -7.89 5.73
N ILE B 302 -13.67 -8.03 7.04
CA ILE B 302 -13.19 -9.24 7.70
C ILE B 302 -14.17 -10.36 7.31
N PRO B 303 -13.67 -11.46 6.71
CA PRO B 303 -14.60 -12.54 6.31
C PRO B 303 -15.04 -13.39 7.51
N PRO B 304 -16.07 -14.25 7.31
CA PRO B 304 -16.42 -15.27 8.30
C PRO B 304 -15.26 -16.22 8.68
N PRO B 305 -15.33 -16.88 9.85
CA PRO B 305 -16.42 -16.74 10.84
C PRO B 305 -16.34 -15.51 11.80
N THR B 306 -15.19 -14.82 11.82
CA THR B 306 -14.91 -13.76 12.77
C THR B 306 -15.67 -12.47 12.43
N GLY B 307 -15.63 -12.09 11.15
CA GLY B 307 -16.45 -10.98 10.64
C GLY B 307 -17.75 -11.46 9.98
N PRO B 308 -18.57 -10.54 9.45
CA PRO B 308 -18.27 -9.10 9.31
C PRO B 308 -18.22 -8.35 10.65
N THR B 309 -17.29 -7.39 10.76
CA THR B 309 -16.95 -6.83 12.08
C THR B 309 -16.13 -5.54 12.01
N TRP B 310 -16.26 -4.72 13.05
CA TRP B 310 -15.33 -3.64 13.33
C TRP B 310 -14.11 -4.18 14.07
N ALA B 311 -12.96 -3.56 13.83
CA ALA B 311 -11.72 -3.84 14.55
C ALA B 311 -11.32 -2.60 15.35
N LEU B 312 -11.16 -2.74 16.67
CA LEU B 312 -10.65 -1.66 17.52
C LEU B 312 -9.15 -1.87 17.72
N GLY B 313 -8.38 -1.22 16.86
CA GLY B 313 -6.92 -1.30 16.87
C GLY B 313 -6.30 -0.29 17.79
N ALA B 314 -5.08 0.15 17.45
CA ALA B 314 -4.30 1.03 18.32
C ALA B 314 -4.91 2.43 18.45
N THR B 315 -5.60 2.88 17.41
CA THR B 315 -6.30 4.16 17.49
C THR B 315 -7.26 4.27 18.68
N PHE B 316 -7.88 3.16 19.05
CA PHE B 316 -8.80 3.10 20.18
C PHE B 316 -8.03 2.83 21.45
N ILE B 317 -7.17 1.81 21.40
CA ILE B 317 -6.40 1.35 22.57
C ILE B 317 -5.51 2.46 23.17
N ARG B 318 -4.98 3.34 22.32
CA ARG B 318 -4.16 4.48 22.79
C ARG B 318 -4.90 5.30 23.84
N LYS B 319 -6.16 5.61 23.53
CA LYS B 319 -7.02 6.31 24.48
C LYS B 319 -7.47 5.41 25.66
N PHE B 320 -7.78 4.14 25.39
CA PHE B 320 -8.35 3.26 26.41
C PHE B 320 -7.46 2.06 26.73
N TYR B 321 -6.95 2.04 27.95
CA TYR B 321 -6.16 0.94 28.44
C TYR B 321 -7.09 -0.25 28.47
N THR B 322 -6.63 -1.37 27.93
CA THR B 322 -7.47 -2.51 27.64
C THR B 322 -6.93 -3.76 28.33
N GLU B 323 -7.71 -4.33 29.26
CA GLU B 323 -7.33 -5.56 29.94
C GLU B 323 -8.15 -6.72 29.40
N PHE B 324 -7.47 -7.80 28.97
CA PHE B 324 -8.11 -9.00 28.40
C PHE B 324 -8.13 -10.17 29.40
N ASP B 325 -9.33 -10.50 29.89
CA ASP B 325 -9.51 -11.43 31.01
C ASP B 325 -10.00 -12.78 30.50
N ARG B 326 -9.20 -13.81 30.75
CA ARG B 326 -9.42 -15.12 30.19
C ARG B 326 -10.16 -16.03 31.14
N ARG B 327 -10.04 -15.76 32.44
CA ARG B 327 -10.72 -16.50 33.50
C ARG B 327 -12.21 -16.19 33.52
N ASN B 328 -12.60 -14.97 33.13
CA ASN B 328 -14.00 -14.54 33.07
C ASN B 328 -14.52 -14.26 31.66
N ASN B 329 -13.68 -14.43 30.63
CA ASN B 329 -14.06 -14.18 29.24
C ASN B 329 -14.75 -12.83 29.03
N ARG B 330 -13.98 -11.78 29.28
CA ARG B 330 -14.46 -10.41 29.22
C ARG B 330 -13.29 -9.49 28.92
N ILE B 331 -13.61 -8.25 28.59
CA ILE B 331 -12.59 -7.23 28.36
C ILE B 331 -12.97 -6.02 29.20
N GLY B 332 -11.96 -5.35 29.75
CA GLY B 332 -12.15 -4.14 30.53
C GLY B 332 -11.45 -2.98 29.87
N PHE B 333 -12.03 -1.79 30.00
CA PHE B 333 -11.43 -0.57 29.51
C PHE B 333 -11.44 0.46 30.62
N ALA B 334 -10.28 1.03 30.90
CA ALA B 334 -10.17 2.25 31.69
C ALA B 334 -9.54 3.32 30.84
N LEU B 335 -9.66 4.56 31.28
CA LEU B 335 -9.07 5.68 30.57
C LEU B 335 -7.56 5.64 30.81
N ALA B 336 -6.79 5.54 29.72
CA ALA B 336 -5.33 5.41 29.78
C ALA B 336 -4.65 6.73 30.14
N ARG B 337 -3.45 6.61 30.66
CA ARG B 337 -2.59 7.76 30.99
C ARG B 337 -1.13 7.32 31.05
#